data_8A0V
#
_entry.id   8A0V
#
_cell.length_a   65.094
_cell.length_b   128.945
_cell.length_c   156.709
_cell.angle_alpha   90
_cell.angle_beta   90
_cell.angle_gamma   90
#
_symmetry.space_group_name_H-M   'P 21 21 21'
#
loop_
_entity.id
_entity.type
_entity.pdbx_description
1 polymer 'Transcriptional enhancer factor TEF-5'
2 non-polymer 'MYRISTIC ACID'
3 non-polymer 'DIMETHYL SULFOXIDE'
4 non-polymer [(2~{S})-5-chloranyl-2-phenyl-3~{H}-1-benzofuran-2-yl]methanamine
5 non-polymer 'PHOSPHATE ION'
6 water water
#
_entity_poly.entity_id   1
_entity_poly.type   'polypeptide(L)'
_entity_poly.pdbx_seq_one_letter_code
;GPGRTIASSRLRLLEYSAFMEVQRDPDTYSKHLFVHIGQTNPAFSDPPLEAVDVRQIYDKFPEKKGGLKELYEKGPPNAF
FLVKFWADLNSTIQEGPGAFYGVSSQYSSADSMTISVSTKVCSFGKQVVEKVETEYARLENGRFVYRIHRSPMCEYMINF
IHKLKHLPEKYMMNSVLENFTILQVVTSRDSQETLLVIAFVFEVSTSEHGAQHHVYKLVKDG
;
_entity_poly.pdbx_strand_id   A,B,C,D
#
# COMPACT_ATOMS: atom_id res chain seq x y z
N THR A 5 -4.13 -7.72 20.30
CA THR A 5 -5.07 -7.14 19.34
C THR A 5 -5.82 -5.90 19.87
N ILE A 6 -5.61 -4.75 19.17
CA ILE A 6 -6.26 -3.49 19.50
C ILE A 6 -7.46 -3.33 18.59
N ALA A 7 -8.66 -3.56 19.11
CA ALA A 7 -9.87 -3.42 18.33
C ALA A 7 -11.04 -3.00 19.18
N SER A 8 -11.79 -2.01 18.71
CA SER A 8 -13.04 -1.60 19.35
C SER A 8 -14.21 -2.38 18.62
N SER A 9 -15.48 -2.03 18.88
CA SER A 9 -16.58 -2.70 18.19
C SER A 9 -16.70 -2.25 16.72
N ARG A 10 -16.15 -1.05 16.37
CA ARG A 10 -16.23 -0.50 15.02
C ARG A 10 -14.92 -0.51 14.23
N LEU A 11 -13.74 -0.51 14.88
CA LEU A 11 -12.47 -0.43 14.15
C LEU A 11 -11.39 -1.27 14.77
N ARG A 12 -10.54 -1.87 13.96
CA ARG A 12 -9.44 -2.69 14.43
C ARG A 12 -8.12 -2.13 13.90
N LEU A 13 -7.09 -2.06 14.73
CA LEU A 13 -5.75 -1.67 14.29
C LEU A 13 -5.08 -2.99 13.85
N LEU A 14 -4.74 -3.11 12.56
CA LEU A 14 -4.11 -4.31 12.04
C LEU A 14 -2.60 -4.23 12.25
N GLU A 15 -1.98 -3.11 11.87
CA GLU A 15 -0.54 -2.96 12.00
C GLU A 15 -0.14 -1.51 12.29
N TYR A 16 1.05 -1.34 12.84
CA TYR A 16 1.59 -0.03 13.13
C TYR A 16 3.10 -0.14 13.21
N SER A 17 3.85 0.73 12.51
CA SER A 17 5.29 0.73 12.67
C SER A 17 5.93 2.08 12.32
N ALA A 18 6.83 2.54 13.17
CA ALA A 18 7.59 3.77 12.98
C ALA A 18 8.98 3.31 12.61
N PHE A 19 9.59 3.91 11.60
CA PHE A 19 10.88 3.47 11.12
C PHE A 19 11.70 4.59 10.47
N MET A 20 12.98 4.29 10.19
CA MET A 20 13.86 5.13 9.42
C MET A 20 14.46 4.26 8.34
N GLU A 21 14.54 4.80 7.13
CA GLU A 21 15.04 4.10 5.98
C GLU A 21 16.12 4.90 5.29
N VAL A 22 17.22 4.26 4.88
CA VAL A 22 18.36 4.90 4.22
C VAL A 22 18.64 4.24 2.86
N GLN A 23 19.11 5.01 1.88
CA GLN A 23 19.49 4.49 0.58
C GLN A 23 21.01 4.31 0.55
N ARG A 24 21.52 3.07 0.77
CA ARG A 24 22.97 2.84 0.79
C ARG A 24 23.62 2.98 -0.61
N ASP A 25 22.84 2.77 -1.70
CA ASP A 25 23.22 2.91 -3.12
C ASP A 25 21.93 2.91 -4.01
N PRO A 26 21.97 3.11 -5.36
CA PRO A 26 20.71 3.17 -6.12
C PRO A 26 19.80 1.95 -5.99
N ASP A 27 20.40 0.75 -5.75
CA ASP A 27 19.63 -0.49 -5.61
C ASP A 27 19.63 -1.09 -4.21
N THR A 28 20.15 -0.38 -3.19
CA THR A 28 20.15 -0.92 -1.82
C THR A 28 19.55 0.04 -0.80
N TYR A 29 18.65 -0.47 0.04
CA TYR A 29 17.97 0.31 1.06
C TYR A 29 18.02 -0.43 2.36
N SER A 30 18.27 0.28 3.47
CA SER A 30 18.25 -0.30 4.80
C SER A 30 17.08 0.29 5.57
N LYS A 31 16.41 -0.50 6.42
CA LYS A 31 15.26 -0.04 7.17
C LYS A 31 15.37 -0.46 8.62
N HIS A 32 15.25 0.49 9.54
CA HIS A 32 15.33 0.24 10.95
C HIS A 32 13.99 0.59 11.60
N LEU A 33 13.37 -0.38 12.30
CA LEU A 33 12.08 -0.15 12.96
C LEU A 33 12.34 0.36 14.36
N PHE A 34 11.73 1.48 14.73
CA PHE A 34 11.84 2.00 16.09
C PHE A 34 10.84 1.22 16.96
N VAL A 35 9.58 1.12 16.50
CA VAL A 35 8.49 0.43 17.17
C VAL A 35 7.68 -0.32 16.10
N HIS A 36 6.98 -1.40 16.49
CA HIS A 36 6.12 -2.17 15.60
C HIS A 36 5.07 -2.96 16.37
N ILE A 37 3.88 -3.03 15.81
CA ILE A 37 2.71 -3.79 16.24
C ILE A 37 2.31 -4.48 14.94
N GLY A 38 2.52 -5.78 14.87
CA GLY A 38 2.22 -6.52 13.64
C GLY A 38 0.87 -7.21 13.68
N GLN A 39 0.46 -7.87 12.57
CA GLN A 39 -0.81 -8.62 12.55
C GLN A 39 -0.66 -9.97 13.24
N PRO A 47 -6.31 -12.23 22.08
CA PRO A 47 -6.42 -12.72 23.46
C PRO A 47 -6.84 -11.60 24.44
N PRO A 48 -7.07 -11.91 25.76
CA PRO A 48 -7.52 -10.86 26.68
C PRO A 48 -6.41 -9.92 27.10
N LEU A 49 -6.78 -8.66 27.32
CA LEU A 49 -5.85 -7.64 27.73
C LEU A 49 -5.97 -7.34 29.19
N GLU A 50 -4.84 -7.01 29.83
CA GLU A 50 -4.80 -6.54 31.21
C GLU A 50 -5.32 -5.11 31.20
N ALA A 51 -5.84 -4.63 32.31
CA ALA A 51 -6.43 -3.30 32.38
C ALA A 51 -5.60 -2.29 33.14
N VAL A 52 -5.72 -1.02 32.73
CA VAL A 52 -5.06 0.13 33.34
C VAL A 52 -6.15 1.18 33.55
N ASP A 53 -6.28 1.73 34.77
CA ASP A 53 -7.28 2.77 35.03
C ASP A 53 -6.85 4.04 34.31
N VAL A 54 -7.74 4.59 33.49
CA VAL A 54 -7.47 5.76 32.68
C VAL A 54 -7.14 7.02 33.52
N ARG A 55 -7.60 7.05 34.79
CA ARG A 55 -7.33 8.17 35.68
C ARG A 55 -5.85 8.30 36.06
N GLN A 56 -5.09 7.19 35.98
CA GLN A 56 -3.66 7.18 36.25
C GLN A 56 -2.85 7.90 35.20
N ILE A 57 -3.37 8.04 33.96
CA ILE A 57 -2.63 8.66 32.88
C ILE A 57 -3.18 10.05 32.46
N TYR A 58 -4.31 10.52 33.05
CA TYR A 58 -4.94 11.81 32.74
C TYR A 58 -3.93 13.00 32.71
N ASP A 59 -3.10 13.12 33.76
CA ASP A 59 -2.10 14.17 33.91
C ASP A 59 -1.02 14.19 32.78
N LYS A 60 -0.82 13.05 32.12
CA LYS A 60 0.18 12.89 31.06
C LYS A 60 -0.34 13.30 29.66
N PHE A 61 -1.66 13.47 29.52
CA PHE A 61 -2.29 13.85 28.24
C PHE A 61 -2.96 15.22 28.37
N PRO A 62 -3.24 15.89 27.24
CA PRO A 62 -3.89 17.20 27.33
C PRO A 62 -5.32 16.99 27.83
N GLU A 63 -5.71 17.80 28.81
CA GLU A 63 -7.05 17.72 29.36
C GLU A 63 -7.91 18.92 28.91
N LYS A 64 -8.95 19.31 29.66
CA LYS A 64 -9.87 20.38 29.25
C LYS A 64 -10.65 19.93 27.96
N LYS A 65 -11.11 20.87 27.12
CA LYS A 65 -11.90 20.51 25.93
C LYS A 65 -11.17 19.56 24.98
N GLY A 66 -11.87 18.49 24.57
CA GLY A 66 -11.31 17.48 23.67
C GLY A 66 -10.16 16.66 24.24
N GLY A 67 -9.99 16.71 25.56
CA GLY A 67 -8.94 15.99 26.25
C GLY A 67 -9.27 14.52 26.48
N LEU A 68 -8.31 13.76 27.00
CA LEU A 68 -8.52 12.33 27.25
C LEU A 68 -9.70 12.04 28.19
N LYS A 69 -9.88 12.87 29.24
CA LYS A 69 -10.98 12.66 30.19
C LYS A 69 -12.33 12.90 29.54
N GLU A 70 -12.45 13.96 28.75
CA GLU A 70 -13.69 14.26 28.05
C GLU A 70 -13.99 13.21 27.00
N LEU A 71 -12.93 12.69 26.32
CA LEU A 71 -13.03 11.65 25.30
C LEU A 71 -13.54 10.35 25.94
N TYR A 72 -12.98 9.96 27.09
CA TYR A 72 -13.40 8.76 27.76
C TYR A 72 -14.86 8.89 28.22
N GLU A 73 -15.22 10.07 28.76
CA GLU A 73 -16.59 10.31 29.21
C GLU A 73 -17.60 10.26 28.07
N LYS A 74 -17.22 10.78 26.90
CA LYS A 74 -18.04 10.76 25.70
C LYS A 74 -18.27 9.31 25.23
N GLY A 75 -17.24 8.46 25.35
CA GLY A 75 -17.35 7.05 25.01
C GLY A 75 -17.20 6.70 23.54
N PRO A 76 -17.30 5.41 23.15
CA PRO A 76 -17.55 4.21 23.99
C PRO A 76 -16.28 3.72 24.68
N PRO A 77 -16.42 3.10 25.87
CA PRO A 77 -15.23 2.64 26.59
C PRO A 77 -14.44 1.56 25.86
N ASN A 78 -15.12 0.74 25.01
CA ASN A 78 -14.47 -0.34 24.25
C ASN A 78 -13.43 0.12 23.24
N ALA A 79 -13.32 1.44 23.02
CA ALA A 79 -12.38 2.02 22.06
C ALA A 79 -11.07 2.46 22.67
N PHE A 80 -10.92 2.47 23.99
CA PHE A 80 -9.74 3.03 24.67
C PHE A 80 -8.67 2.02 25.02
N PHE A 81 -7.44 2.22 24.50
CA PHE A 81 -6.32 1.29 24.73
C PHE A 81 -5.05 2.03 25.11
N LEU A 82 -4.14 1.35 25.78
CA LEU A 82 -2.84 1.92 26.14
C LEU A 82 -1.75 1.00 25.60
N VAL A 83 -0.77 1.54 24.90
CA VAL A 83 0.34 0.73 24.41
C VAL A 83 1.64 1.20 25.05
N LYS A 84 2.34 0.29 25.71
CA LYS A 84 3.65 0.59 26.28
C LYS A 84 4.65 0.15 25.22
N PHE A 85 5.51 1.05 24.76
CA PHE A 85 6.50 0.72 23.75
C PHE A 85 7.92 0.79 24.31
N TRP A 86 8.75 -0.15 23.93
CA TRP A 86 10.17 -0.15 24.26
C TRP A 86 10.82 0.03 22.88
N ALA A 87 11.07 1.29 22.49
CA ALA A 87 11.61 1.62 21.17
C ALA A 87 13.07 1.23 20.98
N ASP A 88 13.38 0.68 19.80
CA ASP A 88 14.74 0.32 19.46
C ASP A 88 15.43 1.55 18.85
N LEU A 89 16.27 2.24 19.62
CA LEU A 89 16.99 3.41 19.13
C LEU A 89 18.47 3.12 18.89
N ASN A 90 18.87 1.85 18.73
CA ASN A 90 20.26 1.50 18.47
C ASN A 90 20.56 1.83 17.01
N SER A 91 21.76 2.35 16.75
CA SER A 91 22.15 2.72 15.38
C SER A 91 22.62 1.47 14.64
N THR A 92 21.64 0.70 14.16
CA THR A 92 21.86 -0.54 13.42
C THR A 92 22.16 -0.27 11.94
N ILE A 93 21.62 0.83 11.39
CA ILE A 93 21.91 1.24 10.02
C ILE A 93 22.70 2.59 10.01
N GLN A 94 23.56 2.81 9.01
CA GLN A 94 24.33 4.06 8.92
C GLN A 94 23.45 5.12 8.28
N GLU A 95 23.15 6.23 8.99
CA GLU A 95 22.26 7.28 8.48
C GLU A 95 22.88 8.12 7.35
N GLY A 98 20.51 11.84 4.59
CA GLY A 98 19.22 11.97 3.91
C GLY A 98 18.23 10.83 4.17
N ALA A 99 18.24 10.26 5.39
CA ALA A 99 17.34 9.19 5.77
C ALA A 99 15.87 9.64 5.71
N PHE A 100 14.93 8.69 5.63
CA PHE A 100 13.50 8.98 5.64
C PHE A 100 12.96 8.47 6.96
N TYR A 101 12.20 9.29 7.70
CA TYR A 101 11.59 8.85 8.95
C TYR A 101 10.11 8.84 8.72
N GLY A 102 9.47 7.71 8.92
CA GLY A 102 8.05 7.60 8.64
C GLY A 102 7.30 6.61 9.49
N VAL A 103 5.98 6.64 9.35
CA VAL A 103 5.06 5.78 10.09
C VAL A 103 4.09 5.11 9.11
N SER A 104 3.87 3.83 9.25
CA SER A 104 2.93 3.08 8.40
C SER A 104 1.95 2.38 9.32
N SER A 105 0.68 2.33 8.95
CA SER A 105 -0.32 1.66 9.76
C SER A 105 -1.49 1.26 8.91
N GLN A 106 -2.22 0.26 9.38
CA GLN A 106 -3.36 -0.26 8.67
C GLN A 106 -4.48 -0.59 9.68
N TYR A 107 -5.71 -0.23 9.32
CA TYR A 107 -6.90 -0.48 10.12
C TYR A 107 -7.94 -1.24 9.30
N SER A 108 -8.94 -1.84 9.97
CA SER A 108 -10.02 -2.48 9.26
C SER A 108 -11.34 -2.36 10.00
N SER A 109 -12.46 -2.47 9.26
CA SER A 109 -13.80 -2.40 9.82
C SER A 109 -14.78 -3.22 9.00
N ALA A 110 -15.91 -3.56 9.60
CA ALA A 110 -16.98 -4.25 8.91
C ALA A 110 -17.83 -3.24 8.11
N ASP A 111 -17.82 -1.95 8.48
CA ASP A 111 -18.60 -0.91 7.85
C ASP A 111 -17.77 0.04 7.00
N SER A 112 -18.35 0.54 5.91
CA SER A 112 -17.67 1.47 5.03
C SER A 112 -17.85 2.89 5.56
N MET A 113 -16.76 3.50 5.99
CA MET A 113 -16.80 4.88 6.49
C MET A 113 -15.50 5.61 6.23
N THR A 114 -15.52 6.95 6.18
CA THR A 114 -14.30 7.73 6.04
C THR A 114 -13.80 8.01 7.45
N ILE A 115 -12.53 7.72 7.75
CA ILE A 115 -12.00 7.96 9.08
C ILE A 115 -11.06 9.16 9.11
N SER A 116 -10.83 9.69 10.31
CA SER A 116 -9.91 10.78 10.50
C SER A 116 -8.99 10.33 11.61
N VAL A 117 -7.69 10.20 11.32
CA VAL A 117 -6.71 9.77 12.31
C VAL A 117 -5.95 10.99 12.82
N SER A 118 -6.19 11.38 14.08
CA SER A 118 -5.51 12.50 14.69
C SER A 118 -4.42 11.97 15.62
N THR A 119 -3.18 12.43 15.47
CA THR A 119 -2.07 12.04 16.33
C THR A 119 -1.55 13.26 17.09
N LYS A 120 -1.70 13.30 18.41
CA LYS A 120 -1.26 14.42 19.23
C LYS A 120 -0.02 14.04 19.97
N VAL A 121 1.09 14.73 19.71
CA VAL A 121 2.33 14.49 20.40
C VAL A 121 2.35 15.42 21.62
N CYS A 122 2.54 14.86 22.84
CA CYS A 122 2.52 15.68 24.05
C CYS A 122 3.79 15.61 24.83
N SER A 123 4.13 16.74 25.41
CA SER A 123 5.33 16.93 26.20
C SER A 123 4.90 17.67 27.47
N PHE A 124 5.03 16.99 28.65
CA PHE A 124 4.60 17.48 29.95
C PHE A 124 3.09 17.75 29.97
N GLY A 125 2.31 16.87 29.33
CA GLY A 125 0.86 16.96 29.27
C GLY A 125 0.29 18.04 28.39
N LYS A 126 1.14 18.75 27.63
CA LYS A 126 0.66 19.79 26.71
C LYS A 126 0.95 19.39 25.26
N GLN A 127 -0.01 19.61 24.38
CA GLN A 127 0.12 19.23 22.97
C GLN A 127 1.10 20.13 22.22
N VAL A 128 2.12 19.54 21.60
CA VAL A 128 3.13 20.31 20.89
C VAL A 128 2.97 20.16 19.38
N VAL A 129 2.56 18.98 18.91
CA VAL A 129 2.34 18.74 17.50
C VAL A 129 1.04 17.98 17.33
N GLU A 130 0.29 18.23 16.27
CA GLU A 130 -0.89 17.43 15.93
C GLU A 130 -0.89 17.13 14.45
N LYS A 131 -1.03 15.87 14.05
CA LYS A 131 -1.14 15.56 12.65
C LYS A 131 -2.50 14.93 12.41
N VAL A 132 -3.24 15.41 11.42
CA VAL A 132 -4.55 14.87 11.08
C VAL A 132 -4.48 14.28 9.67
N GLU A 133 -4.95 13.04 9.48
CA GLU A 133 -4.97 12.42 8.16
C GLU A 133 -6.31 11.81 7.94
N THR A 134 -6.93 12.06 6.79
CA THR A 134 -8.23 11.47 6.45
C THR A 134 -7.99 10.24 5.61
N GLU A 135 -8.63 9.13 5.97
CA GLU A 135 -8.50 7.89 5.20
C GLU A 135 -9.84 7.37 4.68
N TYR A 136 -9.82 6.88 3.46
CA TYR A 136 -10.99 6.34 2.80
C TYR A 136 -10.96 4.81 2.84
N ALA A 137 -12.15 4.19 3.00
CA ALA A 137 -12.34 2.74 3.06
C ALA A 137 -12.11 2.06 1.74
N ARG A 138 -11.35 0.93 1.73
CA ARG A 138 -11.14 0.17 0.51
C ARG A 138 -11.75 -1.19 0.77
N LEU A 139 -12.73 -1.60 -0.06
CA LEU A 139 -13.32 -2.94 0.08
C LEU A 139 -12.26 -3.98 -0.26
N GLU A 140 -12.00 -4.89 0.67
CA GLU A 140 -11.00 -5.91 0.51
C GLU A 140 -11.35 -7.16 1.32
N ASN A 141 -11.63 -8.27 0.63
CA ASN A 141 -11.95 -9.57 1.22
C ASN A 141 -13.13 -9.53 2.18
N GLY A 142 -14.22 -8.86 1.79
CA GLY A 142 -15.42 -8.75 2.61
C GLY A 142 -15.41 -7.69 3.69
N ARG A 143 -14.25 -7.10 3.96
CA ARG A 143 -14.11 -6.07 4.99
C ARG A 143 -13.60 -4.77 4.38
N PHE A 144 -13.54 -3.71 5.19
CA PHE A 144 -13.06 -2.41 4.71
C PHE A 144 -11.70 -2.16 5.32
N VAL A 145 -10.72 -1.83 4.51
CA VAL A 145 -9.33 -1.60 4.94
C VAL A 145 -8.87 -0.15 4.74
N TYR A 146 -8.13 0.39 5.71
CA TYR A 146 -7.59 1.77 5.72
C TYR A 146 -6.09 1.68 5.82
N ARG A 147 -5.34 2.21 4.85
CA ARG A 147 -3.88 2.16 4.88
C ARG A 147 -3.23 3.54 4.84
N ILE A 148 -2.32 3.80 5.76
CA ILE A 148 -1.55 5.03 5.77
C ILE A 148 -0.14 4.54 5.55
N HIS A 149 0.37 4.73 4.34
CA HIS A 149 1.67 4.19 3.98
C HIS A 149 2.76 5.22 3.96
N ARG A 150 3.88 4.97 4.66
CA ARG A 150 5.03 5.86 4.70
C ARG A 150 4.66 7.32 4.96
N SER A 151 3.89 7.55 6.02
CA SER A 151 3.50 8.88 6.44
C SER A 151 4.74 9.53 7.05
N PRO A 152 5.29 10.62 6.48
CA PRO A 152 6.53 11.20 7.02
C PRO A 152 6.41 11.76 8.42
N MET A 153 7.45 11.57 9.24
CA MET A 153 7.50 12.13 10.58
C MET A 153 7.80 13.62 10.48
N CYS A 154 7.24 14.43 11.37
CA CYS A 154 7.50 15.84 11.42
C CYS A 154 8.91 16.06 12.01
N GLU A 155 9.50 17.22 11.70
CA GLU A 155 10.83 17.55 12.14
C GLU A 155 10.97 17.50 13.66
N TYR A 156 9.88 17.81 14.40
CA TYR A 156 9.87 17.75 15.85
C TYR A 156 10.26 16.35 16.35
N MET A 157 9.68 15.32 15.74
CA MET A 157 9.95 13.94 16.13
C MET A 157 11.32 13.46 15.71
N ILE A 158 11.79 13.82 14.51
CA ILE A 158 13.11 13.42 14.04
C ILE A 158 14.20 14.04 14.95
N ASN A 159 14.02 15.31 15.28
CA ASN A 159 14.94 16.01 16.15
C ASN A 159 14.88 15.46 17.61
N PHE A 160 13.72 14.96 18.05
CA PHE A 160 13.58 14.38 19.37
C PHE A 160 14.37 13.05 19.42
N ILE A 161 14.23 12.18 18.38
CA ILE A 161 14.94 10.90 18.29
C ILE A 161 16.45 11.15 18.25
N HIS A 162 16.90 12.16 17.50
CA HIS A 162 18.32 12.49 17.42
C HIS A 162 18.84 12.92 18.79
N LYS A 163 18.06 13.72 19.52
CA LYS A 163 18.47 14.21 20.84
C LYS A 163 18.53 13.08 21.84
N LEU A 164 17.57 12.14 21.83
CA LEU A 164 17.61 10.98 22.72
C LEU A 164 18.82 10.11 22.36
N LYS A 165 19.05 9.84 21.05
CA LYS A 165 20.17 9.03 20.59
C LYS A 165 21.55 9.59 21.03
N HIS A 166 21.63 10.90 21.36
CA HIS A 166 22.87 11.54 21.81
C HIS A 166 23.08 11.47 23.32
N LEU A 167 22.10 10.99 24.10
CA LEU A 167 22.27 10.83 25.55
C LEU A 167 23.18 9.62 25.76
N PRO A 168 24.16 9.73 26.66
CA PRO A 168 25.10 8.61 26.85
C PRO A 168 24.53 7.39 27.57
N GLU A 169 23.41 7.54 28.28
CA GLU A 169 22.82 6.43 29.02
C GLU A 169 21.36 6.19 28.67
N LYS A 170 20.94 4.92 28.64
CA LYS A 170 19.55 4.56 28.33
C LYS A 170 18.59 4.97 29.43
N TYR A 171 19.06 5.06 30.70
CA TYR A 171 18.20 5.51 31.78
C TYR A 171 17.91 7.02 31.68
N MET A 172 18.81 7.79 31.00
CA MET A 172 18.62 9.20 30.77
C MET A 172 17.53 9.40 29.73
N MET A 173 17.53 8.54 28.68
CA MET A 173 16.51 8.56 27.63
C MET A 173 15.14 8.23 28.25
N ASN A 174 15.10 7.26 29.15
CA ASN A 174 13.85 6.89 29.82
C ASN A 174 13.32 8.00 30.70
N SER A 175 14.22 8.78 31.32
CA SER A 175 13.84 9.90 32.15
C SER A 175 13.13 10.97 31.30
N VAL A 176 13.70 11.31 30.14
CA VAL A 176 13.12 12.27 29.22
C VAL A 176 11.76 11.76 28.73
N LEU A 177 11.71 10.50 28.31
CA LEU A 177 10.51 9.84 27.81
C LEU A 177 9.40 9.70 28.82
N GLU A 178 9.69 9.85 30.10
CA GLU A 178 8.65 9.81 31.14
C GLU A 178 7.62 10.94 30.95
N ASN A 179 8.02 12.03 30.28
CA ASN A 179 7.15 13.18 30.03
C ASN A 179 6.66 13.32 28.61
N PHE A 180 6.91 12.30 27.77
CA PHE A 180 6.54 12.27 26.37
C PHE A 180 5.46 11.21 26.14
N THR A 181 4.36 11.60 25.51
CA THR A 181 3.30 10.66 25.19
C THR A 181 2.72 10.98 23.80
N ILE A 182 2.03 10.02 23.19
CA ILE A 182 1.34 10.26 21.93
C ILE A 182 -0.10 9.76 22.11
N LEU A 183 -1.08 10.56 21.74
CA LEU A 183 -2.47 10.15 21.81
C LEU A 183 -2.98 10.05 20.39
N GLN A 184 -3.44 8.87 19.99
CA GLN A 184 -4.02 8.68 18.67
C GLN A 184 -5.52 8.52 18.80
N VAL A 185 -6.29 9.41 18.17
CA VAL A 185 -7.75 9.34 18.20
C VAL A 185 -8.24 9.13 16.78
N VAL A 186 -8.96 8.04 16.53
CA VAL A 186 -9.53 7.76 15.22
C VAL A 186 -11.03 8.00 15.35
N THR A 187 -11.58 8.90 14.55
CA THR A 187 -13.02 9.19 14.58
C THR A 187 -13.61 9.00 13.19
N SER A 188 -14.91 8.78 13.15
CA SER A 188 -15.67 8.68 11.93
C SER A 188 -15.76 10.13 11.39
N ARG A 189 -15.24 10.44 10.20
CA ARG A 189 -15.21 11.83 9.70
C ARG A 189 -16.58 12.53 9.71
N ASP A 190 -17.62 11.87 9.19
CA ASP A 190 -18.94 12.45 9.11
C ASP A 190 -19.63 12.60 10.49
N SER A 191 -19.89 11.50 11.22
CA SER A 191 -20.56 11.58 12.52
C SER A 191 -19.70 12.11 13.68
N GLN A 192 -18.38 12.11 13.54
CA GLN A 192 -17.42 12.51 14.57
C GLN A 192 -17.40 11.55 15.78
N GLU A 193 -17.94 10.33 15.63
CA GLU A 193 -17.96 9.32 16.67
C GLU A 193 -16.57 8.77 16.85
N THR A 194 -16.19 8.50 18.11
CA THR A 194 -14.88 7.91 18.43
C THR A 194 -14.86 6.43 18.03
N LEU A 195 -13.89 6.02 17.23
CA LEU A 195 -13.76 4.66 16.78
C LEU A 195 -12.66 3.93 17.53
N LEU A 196 -11.54 4.61 17.81
CA LEU A 196 -10.40 3.97 18.47
C LEU A 196 -9.53 5.04 19.11
N VAL A 197 -9.10 4.86 20.36
CA VAL A 197 -8.20 5.81 21.02
C VAL A 197 -7.07 5.01 21.60
N ILE A 198 -5.83 5.31 21.20
CA ILE A 198 -4.67 4.58 21.71
C ILE A 198 -3.69 5.57 22.30
N ALA A 199 -3.37 5.40 23.59
CA ALA A 199 -2.39 6.22 24.28
C ALA A 199 -1.06 5.49 24.18
N PHE A 200 0.00 6.15 23.73
CA PHE A 200 1.31 5.53 23.61
C PHE A 200 2.27 6.10 24.62
N VAL A 201 2.91 5.23 25.38
CA VAL A 201 3.95 5.62 26.34
C VAL A 201 5.24 4.90 25.93
N PHE A 202 6.39 5.51 26.19
CA PHE A 202 7.67 4.99 25.69
C PHE A 202 8.80 4.83 26.71
N GLU A 203 9.64 3.85 26.41
CA GLU A 203 10.89 3.53 27.03
C GLU A 203 11.83 3.06 25.90
N VAL A 204 13.11 2.95 26.20
CA VAL A 204 14.10 2.51 25.23
C VAL A 204 14.36 1.02 25.47
N SER A 205 14.42 0.26 24.39
CA SER A 205 14.67 -1.17 24.37
C SER A 205 16.07 -1.46 24.84
N THR A 206 16.23 -2.51 25.67
CA THR A 206 17.54 -2.91 26.20
C THR A 206 17.92 -4.38 25.85
N SER A 207 17.02 -5.12 25.19
CA SER A 207 17.28 -6.53 24.87
C SER A 207 17.72 -6.72 23.42
N GLU A 208 18.43 -7.83 23.16
CA GLU A 208 18.86 -8.23 21.82
C GLU A 208 17.65 -8.56 20.91
N HIS A 209 16.46 -8.80 21.50
CA HIS A 209 15.22 -9.04 20.74
C HIS A 209 14.65 -7.75 20.08
N GLY A 210 15.20 -6.59 20.42
CA GLY A 210 14.83 -5.31 19.86
C GLY A 210 13.61 -4.69 20.50
N ALA A 211 12.87 -3.95 19.69
CA ALA A 211 11.66 -3.26 20.08
C ALA A 211 10.60 -4.20 20.62
N GLN A 212 9.95 -3.79 21.72
CA GLN A 212 8.92 -4.58 22.37
C GLN A 212 7.68 -3.71 22.58
N HIS A 213 6.54 -4.35 22.86
CA HIS A 213 5.31 -3.64 23.16
C HIS A 213 4.39 -4.46 24.06
N HIS A 214 3.59 -3.78 24.89
CA HIS A 214 2.61 -4.42 25.75
C HIS A 214 1.31 -3.62 25.63
N VAL A 215 0.23 -4.27 25.20
CA VAL A 215 -1.08 -3.62 25.04
C VAL A 215 -1.98 -3.80 26.29
N TYR A 216 -2.71 -2.75 26.69
CA TYR A 216 -3.63 -2.75 27.82
C TYR A 216 -4.95 -2.14 27.42
N LYS A 217 -6.02 -2.48 28.14
CA LYS A 217 -7.32 -1.91 27.92
C LYS A 217 -7.49 -0.79 28.98
N LEU A 218 -7.83 0.44 28.59
CA LEU A 218 -8.03 1.53 29.53
C LEU A 218 -9.45 1.44 30.10
N VAL A 219 -9.56 1.31 31.44
CA VAL A 219 -10.83 1.15 32.15
C VAL A 219 -11.07 2.30 33.16
N LYS A 220 -12.25 2.36 33.79
CA LYS A 220 -12.56 3.36 34.82
C LYS A 220 -13.29 2.58 35.93
N ASP A 221 -12.56 2.16 37.00
CA ASP A 221 -13.05 1.34 38.14
C ASP A 221 -13.14 -0.17 37.82
N ARG B 4 -1.65 40.37 -5.02
CA ARG B 4 -2.76 39.70 -4.33
C ARG B 4 -2.72 38.16 -4.36
N THR B 5 -2.29 37.52 -5.54
CA THR B 5 -2.23 36.06 -5.78
C THR B 5 -0.95 35.36 -5.27
N ILE B 6 -1.12 34.43 -4.32
CA ILE B 6 -0.03 33.64 -3.77
C ILE B 6 0.04 32.29 -4.49
N ALA B 7 1.00 32.13 -5.40
CA ALA B 7 1.15 30.90 -6.16
C ALA B 7 2.59 30.64 -6.54
N SER B 8 3.03 29.41 -6.40
CA SER B 8 4.34 28.98 -6.83
C SER B 8 4.17 28.30 -8.24
N SER B 9 5.21 27.60 -8.74
CA SER B 9 5.08 26.92 -10.04
C SER B 9 4.24 25.64 -9.92
N ARG B 10 4.11 25.05 -8.71
CA ARG B 10 3.36 23.81 -8.51
C ARG B 10 2.04 23.97 -7.73
N LEU B 11 1.90 25.04 -6.92
CA LEU B 11 0.70 25.21 -6.07
C LEU B 11 0.22 26.65 -5.90
N ARG B 12 -1.10 26.84 -5.93
CA ARG B 12 -1.70 28.14 -5.75
C ARG B 12 -2.60 28.18 -4.48
N LEU B 13 -2.53 29.24 -3.66
CA LEU B 13 -3.42 29.42 -2.54
C LEU B 13 -4.64 30.16 -3.09
N LEU B 14 -5.82 29.54 -3.07
CA LEU B 14 -7.03 30.20 -3.57
C LEU B 14 -7.69 31.06 -2.48
N GLU B 15 -7.80 30.57 -1.25
CA GLU B 15 -8.40 31.31 -0.15
C GLU B 15 -7.79 30.92 1.19
N TYR B 16 -7.94 31.80 2.18
CA TYR B 16 -7.49 31.54 3.54
C TYR B 16 -8.26 32.41 4.48
N SER B 17 -8.82 31.85 5.55
CA SER B 17 -9.50 32.67 6.55
C SER B 17 -9.50 32.03 7.91
N ALA B 18 -9.29 32.83 8.95
CA ALA B 18 -9.36 32.40 10.34
C ALA B 18 -10.56 33.13 10.89
N PHE B 19 -11.41 32.44 11.63
CA PHE B 19 -12.65 33.03 12.12
C PHE B 19 -13.18 32.39 13.43
N MET B 20 -14.22 32.99 14.00
CA MET B 20 -14.99 32.39 15.07
C MET B 20 -16.47 32.39 14.65
N GLU B 21 -17.17 31.30 14.97
CA GLU B 21 -18.58 31.15 14.65
C GLU B 21 -19.35 30.88 15.91
N VAL B 22 -20.53 31.45 16.02
CA VAL B 22 -21.40 31.22 17.15
C VAL B 22 -22.75 30.76 16.64
N GLN B 23 -23.24 29.66 17.17
CA GLN B 23 -24.58 29.21 16.86
C GLN B 23 -25.36 29.51 18.11
N ARG B 24 -25.87 30.75 18.25
CA ARG B 24 -26.63 31.25 19.39
C ARG B 24 -27.78 30.34 19.78
N ASP B 25 -28.43 29.76 18.75
CA ASP B 25 -29.58 28.86 18.87
C ASP B 25 -29.80 28.11 17.53
N PRO B 26 -30.75 27.17 17.42
CA PRO B 26 -30.91 26.42 16.14
C PRO B 26 -31.18 27.29 14.91
N ASP B 27 -31.76 28.49 15.09
CA ASP B 27 -32.04 29.40 13.97
C ASP B 27 -31.18 30.64 13.91
N THR B 28 -30.16 30.78 14.80
CA THR B 28 -29.32 31.98 14.79
C THR B 28 -27.85 31.63 14.66
N TYR B 29 -27.15 32.25 13.71
CA TYR B 29 -25.74 31.97 13.41
C TYR B 29 -24.94 33.28 13.18
N SER B 30 -23.71 33.38 13.72
CA SER B 30 -22.87 34.56 13.48
C SER B 30 -21.42 34.17 13.19
N LYS B 31 -20.75 34.90 12.30
CA LYS B 31 -19.36 34.56 11.94
C LYS B 31 -18.52 35.83 11.94
N HIS B 32 -17.40 35.82 12.65
CA HIS B 32 -16.48 36.96 12.70
C HIS B 32 -15.13 36.53 12.09
N LEU B 33 -14.65 37.23 11.07
CA LEU B 33 -13.35 36.91 10.47
C LEU B 33 -12.24 37.64 11.19
N PHE B 34 -11.19 36.95 11.62
CA PHE B 34 -10.05 37.58 12.25
C PHE B 34 -9.17 38.10 11.12
N VAL B 35 -8.86 37.24 10.13
CA VAL B 35 -8.05 37.50 8.94
C VAL B 35 -8.69 36.82 7.73
N HIS B 36 -8.42 37.32 6.54
CA HIS B 36 -9.00 36.78 5.32
C HIS B 36 -8.19 37.12 4.07
N ILE B 37 -8.00 36.15 3.18
CA ILE B 37 -7.39 36.24 1.85
C ILE B 37 -8.44 35.55 0.99
N GLY B 38 -9.15 36.32 0.20
CA GLY B 38 -10.23 35.79 -0.62
C GLY B 38 -9.80 35.39 -2.01
N GLN B 39 -10.68 34.69 -2.74
CA GLN B 39 -10.34 34.21 -4.06
C GLN B 39 -10.30 35.33 -5.08
N THR B 40 -9.18 35.39 -5.84
CA THR B 40 -8.92 36.39 -6.87
C THR B 40 -9.44 35.91 -8.26
N PRO B 48 2.84 38.52 -5.74
CA PRO B 48 2.49 39.93 -5.96
C PRO B 48 3.54 40.65 -6.83
N LEU B 49 3.65 41.97 -6.70
CA LEU B 49 4.62 42.73 -7.46
C LEU B 49 5.74 43.29 -6.55
N GLU B 50 5.60 43.19 -5.18
CA GLU B 50 6.52 43.76 -4.19
C GLU B 50 7.36 42.72 -3.47
N ALA B 51 8.62 43.04 -3.20
CA ALA B 51 9.55 42.09 -2.59
C ALA B 51 10.09 42.51 -1.23
N VAL B 52 10.42 41.51 -0.43
CA VAL B 52 10.99 41.65 0.91
C VAL B 52 12.13 40.67 0.97
N ASP B 53 13.33 41.14 1.39
CA ASP B 53 14.48 40.26 1.53
C ASP B 53 14.24 39.33 2.70
N VAL B 54 14.33 38.01 2.47
CA VAL B 54 14.05 37.00 3.49
C VAL B 54 14.97 37.14 4.71
N ARG B 55 16.17 37.69 4.53
CA ARG B 55 17.11 37.85 5.63
C ARG B 55 16.59 38.78 6.72
N GLN B 56 15.66 39.69 6.38
CA GLN B 56 15.04 40.62 7.33
C GLN B 56 14.10 39.95 8.31
N ILE B 57 13.57 38.77 7.96
CA ILE B 57 12.60 38.08 8.83
C ILE B 57 13.16 36.79 9.48
N TYR B 58 14.40 36.37 9.17
CA TYR B 58 15.02 35.18 9.73
C TYR B 58 14.87 35.07 11.25
N ASP B 59 15.21 36.15 12.00
CA ASP B 59 15.16 36.25 13.46
C ASP B 59 13.76 36.03 14.07
N LYS B 60 12.71 36.27 13.27
CA LYS B 60 11.30 36.13 13.65
C LYS B 60 10.75 34.71 13.47
N PHE B 61 11.45 33.84 12.73
CA PHE B 61 11.00 32.48 12.46
C PHE B 61 11.97 31.45 13.03
N PRO B 62 11.56 30.18 13.21
CA PRO B 62 12.49 29.19 13.77
C PRO B 62 13.59 28.88 12.76
N GLU B 63 14.87 28.96 13.17
CA GLU B 63 15.96 28.72 12.24
C GLU B 63 16.56 27.30 12.47
N LYS B 64 17.90 27.10 12.33
CA LYS B 64 18.54 25.78 12.51
C LYS B 64 17.87 24.70 11.60
N LYS B 65 17.91 23.39 11.95
CA LYS B 65 17.32 22.35 11.10
C LYS B 65 15.83 22.57 10.74
N GLY B 66 15.51 22.46 9.46
CA GLY B 66 14.13 22.65 8.97
C GLY B 66 13.57 24.06 9.14
N GLY B 67 14.45 25.02 9.41
CA GLY B 67 14.07 26.41 9.61
C GLY B 67 13.84 27.17 8.32
N LEU B 68 13.39 28.43 8.42
CA LEU B 68 13.13 29.27 7.23
C LEU B 68 14.36 29.44 6.35
N LYS B 69 15.55 29.62 6.94
CA LYS B 69 16.78 29.78 6.16
C LYS B 69 17.13 28.52 5.39
N GLU B 70 17.04 27.37 6.04
CA GLU B 70 17.32 26.10 5.39
C GLU B 70 16.25 25.78 4.33
N LEU B 71 14.99 26.17 4.57
CA LEU B 71 13.88 25.98 3.63
C LEU B 71 14.10 26.82 2.38
N TYR B 72 14.50 28.08 2.55
CA TYR B 72 14.75 28.96 1.42
C TYR B 72 15.95 28.44 0.61
N GLU B 73 17.00 27.96 1.30
CA GLU B 73 18.18 27.41 0.63
C GLU B 73 17.85 26.12 -0.14
N LYS B 74 16.98 25.30 0.42
CA LYS B 74 16.53 24.07 -0.24
C LYS B 74 15.76 24.40 -1.53
N GLY B 75 14.95 25.46 -1.48
CA GLY B 75 14.21 25.94 -2.63
C GLY B 75 12.90 25.24 -2.92
N PRO B 76 12.17 25.63 -3.99
CA PRO B 76 12.46 26.70 -4.97
C PRO B 76 12.09 28.09 -4.44
N PRO B 77 12.81 29.14 -4.88
CA PRO B 77 12.48 30.48 -4.36
C PRO B 77 11.09 30.96 -4.73
N ASN B 78 10.52 30.49 -5.86
CA ASN B 78 9.19 30.91 -6.30
C ASN B 78 8.05 30.51 -5.36
N ALA B 79 8.33 29.72 -4.32
CA ALA B 79 7.31 29.29 -3.37
C ALA B 79 7.22 30.15 -2.11
N PHE B 80 8.16 31.08 -1.90
CA PHE B 80 8.24 31.83 -0.66
C PHE B 80 7.51 33.16 -0.69
N PHE B 81 6.56 33.33 0.23
CA PHE B 81 5.75 34.54 0.31
C PHE B 81 5.66 35.05 1.73
N LEU B 82 5.41 36.35 1.92
CA LEU B 82 5.22 36.94 3.23
C LEU B 82 3.89 37.64 3.22
N VAL B 83 3.05 37.39 4.24
CA VAL B 83 1.77 38.07 4.36
C VAL B 83 1.73 38.89 5.65
N LYS B 84 1.49 40.20 5.52
CA LYS B 84 1.33 41.07 6.68
C LYS B 84 -0.18 41.09 6.94
N PHE B 85 -0.63 40.70 8.14
CA PHE B 85 -2.03 40.72 8.49
C PHE B 85 -2.35 41.78 9.56
N TRP B 86 -3.47 42.47 9.38
CA TRP B 86 -3.98 43.39 10.37
C TRP B 86 -5.27 42.71 10.82
N ALA B 87 -5.20 41.89 11.88
CA ALA B 87 -6.33 41.11 12.36
C ALA B 87 -7.43 41.93 13.04
N ASP B 88 -8.67 41.59 12.74
CA ASP B 88 -9.83 42.24 13.35
C ASP B 88 -10.17 41.50 14.65
N LEU B 89 -9.81 42.08 15.80
CA LEU B 89 -10.11 41.47 17.10
C LEU B 89 -11.21 42.20 17.86
N ASN B 90 -12.05 42.98 17.15
CA ASN B 90 -13.15 43.69 17.80
C ASN B 90 -14.24 42.68 18.14
N SER B 91 -14.88 42.84 19.31
CA SER B 91 -15.95 41.92 19.71
C SER B 91 -17.28 42.30 19.03
N THR B 92 -17.40 41.91 17.77
CA THR B 92 -18.54 42.25 16.94
C THR B 92 -19.72 41.27 17.17
N ILE B 93 -19.41 40.01 17.50
CA ILE B 93 -20.45 39.01 17.79
C ILE B 93 -20.39 38.62 19.30
N GLN B 94 -21.55 38.19 19.86
CA GLN B 94 -21.63 37.75 21.25
C GLN B 94 -21.21 36.28 21.30
N GLU B 95 -20.12 35.96 22.01
CA GLU B 95 -19.59 34.60 22.08
C GLU B 95 -20.47 33.65 22.91
N GLY B 98 -20.44 28.47 23.52
CA GLY B 98 -19.93 27.38 22.68
C GLY B 98 -19.45 27.80 21.29
N ALA B 99 -18.70 28.94 21.19
CA ALA B 99 -18.17 29.38 19.90
C ALA B 99 -17.19 28.37 19.29
N PHE B 100 -17.01 28.44 17.97
CA PHE B 100 -16.08 27.58 17.27
C PHE B 100 -15.00 28.47 16.68
N TYR B 101 -13.73 28.12 16.88
CA TYR B 101 -12.63 28.89 16.29
C TYR B 101 -12.00 27.99 15.27
N GLY B 102 -11.94 28.45 14.04
CA GLY B 102 -11.41 27.63 12.97
C GLY B 102 -10.74 28.37 11.84
N VAL B 103 -10.13 27.59 10.95
CA VAL B 103 -9.42 28.10 9.81
C VAL B 103 -9.91 27.33 8.58
N SER B 104 -10.17 28.02 7.48
CA SER B 104 -10.62 27.43 6.24
C SER B 104 -9.69 27.89 5.16
N SER B 105 -9.20 26.98 4.35
CA SER B 105 -8.31 27.34 3.25
C SER B 105 -8.48 26.42 2.05
N GLN B 106 -8.09 26.90 0.88
CA GLN B 106 -8.26 26.17 -0.35
C GLN B 106 -7.06 26.40 -1.25
N TYR B 107 -6.56 25.34 -1.89
CA TYR B 107 -5.40 25.38 -2.80
C TYR B 107 -5.72 24.70 -4.11
N SER B 108 -4.87 24.91 -5.13
CA SER B 108 -5.05 24.21 -6.40
C SER B 108 -3.72 23.93 -7.12
N SER B 109 -3.67 22.85 -7.89
CA SER B 109 -2.49 22.48 -8.67
C SER B 109 -2.90 21.89 -10.02
N ALA B 110 -1.97 21.85 -10.96
CA ALA B 110 -2.20 21.21 -12.25
C ALA B 110 -1.93 19.68 -12.15
N ASP B 111 -1.20 19.23 -11.11
CA ASP B 111 -0.82 17.86 -10.90
C ASP B 111 -1.58 17.24 -9.75
N SER B 112 -1.86 15.95 -9.89
CA SER B 112 -2.59 15.16 -8.94
C SER B 112 -1.62 14.63 -7.90
N MET B 113 -1.64 15.18 -6.69
CA MET B 113 -0.76 14.73 -5.63
C MET B 113 -1.39 14.93 -4.24
N THR B 114 -0.91 14.19 -3.24
CA THR B 114 -1.38 14.38 -1.87
C THR B 114 -0.47 15.46 -1.25
N ILE B 115 -1.05 16.48 -0.63
CA ILE B 115 -0.25 17.52 0.00
C ILE B 115 -0.27 17.41 1.53
N SER B 116 0.69 18.06 2.19
N SER B 116 0.71 18.05 2.19
CA SER B 116 0.76 18.13 3.62
CA SER B 116 0.83 18.11 3.64
C SER B 116 0.94 19.59 4.01
C SER B 116 0.96 19.60 4.02
N VAL B 117 -0.04 20.15 4.71
CA VAL B 117 0.00 21.53 5.15
C VAL B 117 0.46 21.61 6.62
N SER B 118 1.67 22.08 6.86
CA SER B 118 2.20 22.22 8.21
C SER B 118 2.10 23.71 8.65
N THR B 119 1.52 23.96 9.81
CA THR B 119 1.36 25.31 10.34
C THR B 119 2.12 25.39 11.66
N LYS B 120 3.20 26.17 11.70
CA LYS B 120 4.04 26.31 12.88
C LYS B 120 3.75 27.66 13.52
N VAL B 121 3.25 27.65 14.76
CA VAL B 121 2.96 28.88 15.48
C VAL B 121 4.22 29.23 16.27
N CYS B 122 4.77 30.42 16.05
CA CYS B 122 6.00 30.88 16.70
C CYS B 122 5.80 32.04 17.71
N SER B 123 6.61 32.03 18.76
CA SER B 123 6.59 33.05 19.81
C SER B 123 8.06 33.31 20.14
N PHE B 124 8.55 34.53 19.83
CA PHE B 124 9.94 34.97 19.99
C PHE B 124 10.88 34.17 19.09
N GLY B 125 10.42 33.87 17.87
CA GLY B 125 11.17 33.09 16.89
C GLY B 125 11.29 31.60 17.18
N LYS B 126 10.57 31.08 18.21
CA LYS B 126 10.66 29.65 18.55
C LYS B 126 9.31 28.98 18.41
N GLN B 127 9.28 27.79 17.84
CA GLN B 127 8.04 27.06 17.58
C GLN B 127 7.37 26.56 18.86
N VAL B 128 6.10 26.92 19.08
CA VAL B 128 5.40 26.51 20.28
C VAL B 128 4.37 25.42 19.94
N VAL B 129 3.69 25.55 18.81
CA VAL B 129 2.66 24.59 18.40
C VAL B 129 2.81 24.28 16.92
N GLU B 130 2.37 23.09 16.53
CA GLU B 130 2.35 22.73 15.14
C GLU B 130 1.13 21.93 14.81
N LYS B 131 0.51 22.24 13.68
CA LYS B 131 -0.57 21.41 13.18
C LYS B 131 -0.19 20.94 11.80
N VAL B 132 -0.27 19.64 11.54
CA VAL B 132 -0.01 19.07 10.23
C VAL B 132 -1.29 18.45 9.71
N GLU B 133 -1.69 18.75 8.48
CA GLU B 133 -2.91 18.18 7.89
C GLU B 133 -2.60 17.68 6.52
N THR B 134 -3.02 16.48 6.21
CA THR B 134 -2.82 15.90 4.90
C THR B 134 -4.08 16.08 4.08
N GLU B 135 -3.93 16.59 2.83
CA GLU B 135 -5.06 16.80 1.96
C GLU B 135 -4.94 16.09 0.65
N TYR B 136 -6.07 15.58 0.18
CA TYR B 136 -6.17 14.87 -1.08
C TYR B 136 -6.82 15.80 -2.10
N ALA B 137 -6.34 15.74 -3.33
CA ALA B 137 -6.85 16.54 -4.41
C ALA B 137 -8.20 16.02 -4.88
N ARG B 138 -8.97 16.91 -5.43
CA ARG B 138 -10.24 16.56 -6.05
C ARG B 138 -10.18 17.16 -7.45
N LEU B 139 -10.39 16.35 -8.50
CA LEU B 139 -10.37 16.88 -9.87
C LEU B 139 -11.60 17.76 -10.06
N GLU B 140 -11.37 19.01 -10.44
CA GLU B 140 -12.42 19.98 -10.58
C GLU B 140 -12.04 21.03 -11.63
N ASN B 141 -12.77 21.03 -12.77
CA ASN B 141 -12.59 21.97 -13.87
C ASN B 141 -11.18 21.95 -14.45
N GLY B 142 -10.62 20.76 -14.68
CA GLY B 142 -9.29 20.63 -15.25
C GLY B 142 -8.14 20.77 -14.27
N ARG B 143 -8.42 21.21 -13.04
CA ARG B 143 -7.38 21.37 -12.02
C ARG B 143 -7.64 20.52 -10.80
N PHE B 144 -6.66 20.40 -9.90
CA PHE B 144 -6.80 19.62 -8.69
C PHE B 144 -6.96 20.57 -7.53
N VAL B 145 -8.08 20.45 -6.79
CA VAL B 145 -8.42 21.35 -5.70
C VAL B 145 -8.33 20.68 -4.35
N TYR B 146 -7.68 21.37 -3.39
CA TYR B 146 -7.50 20.94 -2.01
C TYR B 146 -8.33 21.87 -1.13
N ARG B 147 -9.19 21.32 -0.26
CA ARG B 147 -10.00 22.12 0.64
C ARG B 147 -9.83 21.70 2.09
N ILE B 148 -9.50 22.63 2.96
CA ILE B 148 -9.44 22.39 4.39
C ILE B 148 -10.57 23.24 4.92
N HIS B 149 -11.69 22.63 5.27
CA HIS B 149 -12.86 23.36 5.70
C HIS B 149 -13.05 23.24 7.22
N ARG B 150 -13.20 24.39 7.88
CA ARG B 150 -13.43 24.47 9.32
C ARG B 150 -12.47 23.65 10.15
N SER B 151 -11.19 23.82 9.89
CA SER B 151 -10.14 23.14 10.65
C SER B 151 -10.08 23.80 12.02
N PRO B 152 -10.37 23.09 13.12
CA PRO B 152 -10.39 23.76 14.44
C PRO B 152 -9.06 24.32 14.90
N MET B 153 -9.08 25.49 15.55
CA MET B 153 -7.90 26.10 16.13
C MET B 153 -7.57 25.36 17.42
N CYS B 154 -6.29 25.20 17.72
CA CYS B 154 -5.86 24.56 18.94
C CYS B 154 -6.11 25.48 20.13
N GLU B 155 -6.20 24.90 21.34
CA GLU B 155 -6.46 25.67 22.54
C GLU B 155 -5.45 26.79 22.76
N TYR B 156 -4.19 26.58 22.32
CA TYR B 156 -3.16 27.61 22.44
C TYR B 156 -3.57 28.91 21.73
N MET B 157 -4.10 28.78 20.51
CA MET B 157 -4.54 29.93 19.75
C MET B 157 -5.78 30.59 20.28
N ILE B 158 -6.76 29.81 20.73
CA ILE B 158 -8.00 30.37 21.27
C ILE B 158 -7.69 31.16 22.56
N ASN B 159 -6.83 30.60 23.39
CA ASN B 159 -6.45 31.23 24.63
C ASN B 159 -5.58 32.48 24.38
N PHE B 160 -4.79 32.49 23.30
CA PHE B 160 -3.97 33.63 22.90
C PHE B 160 -4.90 34.78 22.45
N ILE B 161 -5.89 34.51 21.61
CA ILE B 161 -6.86 35.51 21.14
C ILE B 161 -7.66 36.09 22.33
N HIS B 162 -8.08 35.24 23.27
CA HIS B 162 -8.80 35.71 24.45
C HIS B 162 -7.94 36.63 25.28
N LYS B 163 -6.65 36.30 25.44
CA LYS B 163 -5.74 37.13 26.22
C LYS B 163 -5.50 38.47 25.54
N LEU B 164 -5.35 38.48 24.22
CA LEU B 164 -5.16 39.71 23.45
C LEU B 164 -6.40 40.59 23.61
N LYS B 165 -7.59 40.00 23.43
CA LYS B 165 -8.88 40.68 23.53
C LYS B 165 -9.17 41.29 24.88
N HIS B 166 -8.53 40.83 25.94
CA HIS B 166 -8.68 41.41 27.27
C HIS B 166 -7.75 42.62 27.52
N LEU B 167 -6.85 42.94 26.58
CA LEU B 167 -5.97 44.08 26.75
C LEU B 167 -6.77 45.35 26.48
N PRO B 168 -6.60 46.38 27.32
CA PRO B 168 -7.41 47.60 27.15
C PRO B 168 -6.99 48.51 25.99
N GLU B 169 -5.78 48.32 25.44
CA GLU B 169 -5.29 49.20 24.36
C GLU B 169 -4.82 48.42 23.16
N LYS B 170 -5.07 48.94 21.95
CA LYS B 170 -4.63 48.30 20.70
C LYS B 170 -3.12 48.31 20.52
N TYR B 171 -2.42 49.31 21.09
CA TYR B 171 -0.96 49.33 21.01
C TYR B 171 -0.35 48.22 21.91
N MET B 172 -1.09 47.77 22.96
CA MET B 172 -0.65 46.69 23.83
C MET B 172 -0.74 45.37 23.07
N MET B 173 -1.83 45.18 22.31
CA MET B 173 -2.05 44.03 21.46
C MET B 173 -0.96 43.95 20.38
N ASN B 174 -0.57 45.10 19.80
CA ASN B 174 0.50 45.14 18.81
C ASN B 174 1.84 44.81 19.43
N SER B 175 2.08 45.20 20.69
CA SER B 175 3.32 44.89 21.39
C SER B 175 3.48 43.38 21.52
N VAL B 176 2.41 42.67 21.91
CA VAL B 176 2.43 41.23 22.06
C VAL B 176 2.64 40.56 20.68
N LEU B 177 1.83 40.98 19.68
CA LEU B 177 1.89 40.47 18.30
C LEU B 177 3.25 40.74 17.61
N GLU B 178 4.07 41.69 18.11
CA GLU B 178 5.38 41.95 17.53
C GLU B 178 6.27 40.67 17.56
N ASN B 179 6.02 39.78 18.52
CA ASN B 179 6.79 38.56 18.69
C ASN B 179 6.06 37.29 18.32
N PHE B 180 4.88 37.38 17.71
CA PHE B 180 4.06 36.24 17.33
C PHE B 180 4.04 36.11 15.80
N THR B 181 4.41 34.93 15.27
CA THR B 181 4.41 34.67 13.83
C THR B 181 3.87 33.28 13.51
N ILE B 182 3.49 33.04 12.26
CA ILE B 182 3.03 31.72 11.82
C ILE B 182 3.76 31.38 10.54
N LEU B 183 4.33 30.18 10.45
CA LEU B 183 4.98 29.74 9.22
C LEU B 183 4.15 28.60 8.65
N GLN B 184 3.67 28.76 7.43
CA GLN B 184 2.92 27.69 6.78
C GLN B 184 3.76 27.07 5.67
N VAL B 185 4.05 25.78 5.77
CA VAL B 185 4.83 25.09 4.74
C VAL B 185 3.94 24.00 4.11
N VAL B 186 3.73 24.06 2.82
CA VAL B 186 2.95 23.06 2.10
C VAL B 186 3.95 22.24 1.30
N THR B 187 3.98 20.94 1.52
CA THR B 187 4.89 20.06 0.81
C THR B 187 4.11 18.91 0.14
N SER B 188 4.72 18.27 -0.86
CA SER B 188 4.15 17.09 -1.47
C SER B 188 4.36 15.96 -0.44
N ARG B 189 3.30 15.24 -0.03
CA ARG B 189 3.44 14.21 1.00
C ARG B 189 4.52 13.15 0.70
N ASP B 190 4.47 12.56 -0.50
CA ASP B 190 5.40 11.52 -0.88
C ASP B 190 6.83 12.03 -1.11
N SER B 191 7.05 12.95 -2.07
CA SER B 191 8.41 13.44 -2.35
C SER B 191 9.00 14.41 -1.32
N GLN B 192 8.16 15.02 -0.47
CA GLN B 192 8.55 16.01 0.54
C GLN B 192 9.09 17.33 -0.07
N GLU B 193 8.81 17.57 -1.36
CA GLU B 193 9.23 18.78 -2.05
C GLU B 193 8.40 19.95 -1.57
N THR B 194 9.02 21.14 -1.42
CA THR B 194 8.32 22.34 -0.99
C THR B 194 7.46 22.89 -2.12
N LEU B 195 6.17 23.08 -1.86
CA LEU B 195 5.22 23.58 -2.85
C LEU B 195 4.87 25.03 -2.59
N LEU B 196 4.80 25.45 -1.33
CA LEU B 196 4.42 26.83 -0.99
C LEU B 196 4.83 27.11 0.47
N VAL B 197 5.45 28.25 0.73
CA VAL B 197 5.81 28.64 2.09
C VAL B 197 5.32 30.05 2.30
N ILE B 198 4.49 30.25 3.31
CA ILE B 198 3.96 31.59 3.58
C ILE B 198 4.28 31.97 5.03
N ALA B 199 4.97 33.08 5.21
CA ALA B 199 5.31 33.58 6.54
C ALA B 199 4.25 34.61 6.90
N PHE B 200 3.62 34.48 8.06
CA PHE B 200 2.57 35.42 8.47
C PHE B 200 3.04 36.27 9.63
N VAL B 201 2.95 37.58 9.48
CA VAL B 201 3.26 38.53 10.54
C VAL B 201 1.97 39.33 10.86
N PHE B 202 1.84 39.85 12.09
CA PHE B 202 0.57 40.41 12.52
C PHE B 202 0.60 41.70 13.29
N GLU B 203 -0.50 42.43 13.13
CA GLU B 203 -0.86 43.64 13.85
C GLU B 203 -2.39 43.61 14.03
N VAL B 204 -2.91 44.51 14.85
CA VAL B 204 -4.35 44.62 15.07
C VAL B 204 -4.88 45.68 14.11
N SER B 205 -6.04 45.41 13.55
CA SER B 205 -6.72 46.31 12.66
C SER B 205 -7.24 47.50 13.45
N THR B 206 -7.09 48.68 12.88
CA THR B 206 -7.55 49.93 13.51
C THR B 206 -8.55 50.71 12.64
N SER B 207 -8.86 50.26 11.41
CA SER B 207 -9.78 50.96 10.53
C SER B 207 -11.19 50.35 10.57
N GLU B 208 -12.19 51.17 10.20
CA GLU B 208 -13.58 50.72 10.10
C GLU B 208 -13.76 49.67 8.98
N HIS B 209 -12.79 49.57 8.03
CA HIS B 209 -12.79 48.58 6.96
C HIS B 209 -12.48 47.15 7.45
N GLY B 210 -12.05 47.02 8.70
CA GLY B 210 -11.78 45.74 9.31
C GLY B 210 -10.42 45.16 9.00
N ALA B 211 -10.34 43.83 8.97
CA ALA B 211 -9.11 43.10 8.71
C ALA B 211 -8.54 43.43 7.36
N GLN B 212 -7.20 43.58 7.33
CA GLN B 212 -6.48 43.91 6.10
C GLN B 212 -5.31 42.97 5.91
N HIS B 213 -4.77 42.92 4.70
CA HIS B 213 -3.59 42.12 4.42
C HIS B 213 -2.74 42.71 3.29
N HIS B 214 -1.42 42.49 3.33
CA HIS B 214 -0.52 42.92 2.29
C HIS B 214 0.39 41.74 1.96
N VAL B 215 0.40 41.29 0.69
CA VAL B 215 1.22 40.17 0.25
C VAL B 215 2.54 40.64 -0.37
N TYR B 216 3.64 39.94 -0.08
CA TYR B 216 4.98 40.21 -0.60
C TYR B 216 5.62 38.92 -1.07
N LYS B 217 6.58 39.03 -1.98
CA LYS B 217 7.34 37.89 -2.45
C LYS B 217 8.67 37.93 -1.69
N LEU B 218 9.06 36.83 -1.04
CA LEU B 218 10.32 36.80 -0.30
C LEU B 218 11.45 36.52 -1.28
N VAL B 219 12.44 37.43 -1.34
CA VAL B 219 13.60 37.33 -2.25
C VAL B 219 14.93 37.27 -1.45
N LYS B 220 16.07 37.03 -2.13
CA LYS B 220 17.39 37.03 -1.50
C LYS B 220 18.29 37.76 -2.48
N ASP B 221 18.51 39.10 -2.26
CA ASP B 221 19.30 40.01 -3.13
C ASP B 221 18.52 40.49 -4.38
N ARG C 4 11.64 5.80 -18.98
CA ARG C 4 10.73 6.93 -19.17
C ARG C 4 9.29 6.55 -18.73
N THR C 5 8.22 7.10 -19.38
CA THR C 5 6.82 6.87 -18.99
C THR C 5 6.08 5.89 -19.89
N ILE C 6 5.62 4.79 -19.28
CA ILE C 6 4.84 3.76 -19.95
C ILE C 6 3.37 4.06 -19.71
N ALA C 7 2.66 4.51 -20.74
CA ALA C 7 1.24 4.81 -20.62
C ALA C 7 0.51 4.67 -21.94
N SER C 8 -0.63 4.00 -21.92
CA SER C 8 -1.49 3.90 -23.10
C SER C 8 -2.58 5.03 -22.98
N SER C 9 -3.65 5.00 -23.81
CA SER C 9 -4.70 6.01 -23.68
C SER C 9 -5.58 5.75 -22.44
N ARG C 10 -5.61 4.52 -21.92
CA ARG C 10 -6.46 4.15 -20.79
C ARG C 10 -5.70 3.86 -19.50
N LEU C 11 -4.40 3.50 -19.58
CA LEU C 11 -3.67 3.11 -18.36
C LEU C 11 -2.20 3.48 -18.33
N ARG C 12 -1.75 3.99 -17.22
CA ARG C 12 -0.38 4.38 -17.04
C ARG C 12 0.32 3.49 -16.02
N LEU C 13 1.56 3.05 -16.30
CA LEU C 13 2.37 2.34 -15.34
C LEU C 13 3.13 3.43 -14.55
N LEU C 14 2.85 3.56 -13.24
CA LEU C 14 3.51 4.55 -12.42
C LEU C 14 4.85 4.03 -11.92
N GLU C 15 4.90 2.79 -11.40
CA GLU C 15 6.13 2.23 -10.86
C GLU C 15 6.17 0.73 -11.06
N TYR C 16 7.38 0.17 -11.01
CA TYR C 16 7.58 -1.26 -11.11
C TYR C 16 8.91 -1.60 -10.49
N SER C 17 8.97 -2.56 -9.57
CA SER C 17 10.24 -3.01 -9.04
C SER C 17 10.23 -4.45 -8.60
N ALA C 18 11.29 -5.18 -8.90
CA ALA C 18 11.48 -6.56 -8.47
C ALA C 18 12.64 -6.46 -7.49
N PHE C 19 12.54 -7.14 -6.34
CA PHE C 19 13.54 -7.02 -5.31
C PHE C 19 13.63 -8.24 -4.41
N MET C 20 14.64 -8.26 -3.53
CA MET C 20 14.74 -9.21 -2.44
C MET C 20 14.94 -8.46 -1.13
N GLU C 21 14.35 -8.94 -0.05
CA GLU C 21 14.50 -8.36 1.28
C GLU C 21 15.05 -9.38 2.24
N VAL C 22 15.99 -8.96 3.08
CA VAL C 22 16.55 -9.83 4.10
C VAL C 22 16.37 -9.19 5.48
N GLN C 23 16.07 -9.99 6.49
CA GLN C 23 15.96 -9.54 7.87
C GLN C 23 17.30 -9.74 8.62
N ARG C 24 18.10 -8.68 8.81
CA ARG C 24 19.40 -8.79 9.49
C ARG C 24 19.26 -9.06 10.99
N ASP C 25 18.17 -8.51 11.60
CA ASP C 25 17.76 -8.65 13.01
C ASP C 25 16.25 -8.31 13.16
N PRO C 26 15.58 -8.40 14.36
CA PRO C 26 14.12 -8.15 14.38
C PRO C 26 13.69 -6.78 13.88
N ASP C 27 14.58 -5.76 14.01
CA ASP C 27 14.27 -4.41 13.57
C ASP C 27 15.06 -3.92 12.35
N THR C 28 15.87 -4.78 11.70
CA THR C 28 16.66 -4.33 10.56
C THR C 28 16.42 -5.17 9.35
N TYR C 29 16.14 -4.51 8.20
CA TYR C 29 15.86 -5.19 6.95
C TYR C 29 16.62 -4.53 5.82
N SER C 30 17.32 -5.30 5.00
CA SER C 30 18.01 -4.80 3.82
C SER C 30 17.20 -5.14 2.58
N LYS C 31 17.19 -4.26 1.58
CA LYS C 31 16.43 -4.47 0.36
C LYS C 31 17.29 -4.26 -0.87
N HIS C 32 17.37 -5.24 -1.76
CA HIS C 32 18.14 -5.13 -2.99
C HIS C 32 17.20 -5.11 -4.18
N LEU C 33 17.25 -4.08 -5.03
CA LEU C 33 16.40 -4.01 -6.21
C LEU C 33 17.10 -4.68 -7.37
N PHE C 34 16.44 -5.64 -8.03
CA PHE C 34 17.01 -6.29 -9.20
C PHE C 34 16.81 -5.36 -10.39
N VAL C 35 15.56 -4.86 -10.56
CA VAL C 35 15.12 -3.95 -11.62
C VAL C 35 14.17 -2.94 -11.00
N HIS C 36 14.13 -1.74 -11.59
N HIS C 36 14.07 -1.77 -11.62
CA HIS C 36 13.24 -0.67 -11.13
CA HIS C 36 13.19 -0.71 -11.14
C HIS C 36 12.85 0.30 -12.25
C HIS C 36 12.81 0.21 -12.30
N ILE C 37 11.61 0.77 -12.20
CA ILE C 37 11.03 1.77 -13.09
C ILE C 37 10.31 2.63 -12.06
N GLY C 38 10.83 3.81 -11.79
CA GLY C 38 10.27 4.68 -10.74
C GLY C 38 9.31 5.70 -11.26
N GLN C 39 8.71 6.49 -10.34
CA GLN C 39 7.77 7.58 -10.70
C GLN C 39 8.54 8.89 -11.03
N ASP C 46 7.43 14.85 -19.03
CA ASP C 46 7.17 13.56 -19.68
C ASP C 46 7.91 13.50 -21.03
N PRO C 47 8.76 12.48 -21.25
CA PRO C 47 9.54 12.45 -22.50
C PRO C 47 9.07 11.43 -23.56
N PRO C 48 9.30 11.76 -24.85
CA PRO C 48 8.92 10.82 -25.92
C PRO C 48 9.80 9.56 -25.89
N LEU C 49 9.34 8.49 -26.52
CA LEU C 49 10.07 7.23 -26.53
C LEU C 49 10.57 6.88 -27.92
N GLU C 50 11.71 6.17 -28.02
CA GLU C 50 12.22 5.65 -29.29
C GLU C 50 11.35 4.43 -29.67
N ALA C 51 11.30 4.09 -30.95
CA ALA C 51 10.46 2.98 -31.41
C ALA C 51 11.24 1.76 -31.84
N VAL C 52 10.60 0.60 -31.68
CA VAL C 52 11.12 -0.71 -32.06
C VAL C 52 9.99 -1.38 -32.83
N ASP C 53 10.27 -1.92 -34.03
CA ASP C 53 9.26 -2.62 -34.79
C ASP C 53 8.93 -3.92 -34.07
N VAL C 54 7.64 -4.15 -33.81
CA VAL C 54 7.13 -5.31 -33.09
C VAL C 54 7.49 -6.65 -33.76
N ARG C 55 7.73 -6.64 -35.08
CA ARG C 55 8.07 -7.83 -35.83
C ARG C 55 9.48 -8.35 -35.49
N GLN C 56 10.39 -7.48 -35.05
CA GLN C 56 11.73 -7.86 -34.63
C GLN C 56 11.74 -8.64 -33.31
N ILE C 57 10.66 -8.62 -32.53
CA ILE C 57 10.64 -9.32 -31.25
C ILE C 57 9.65 -10.49 -31.20
N TYR C 58 8.89 -10.74 -32.28
CA TYR C 58 7.90 -11.80 -32.38
C TYR C 58 8.44 -13.19 -31.98
N ASP C 59 9.59 -13.57 -32.56
CA ASP C 59 10.25 -14.85 -32.36
C ASP C 59 10.62 -15.12 -30.90
N LYS C 60 10.85 -14.05 -30.11
CA LYS C 60 11.24 -14.16 -28.69
C LYS C 60 10.07 -14.28 -27.71
N PHE C 61 8.84 -14.03 -28.20
CA PHE C 61 7.64 -14.07 -27.37
C PHE C 61 6.70 -15.23 -27.74
N PRO C 62 5.80 -15.66 -26.82
CA PRO C 62 4.90 -16.76 -27.16
C PRO C 62 3.95 -16.33 -28.28
N GLU C 63 3.81 -17.16 -29.31
CA GLU C 63 2.94 -16.80 -30.42
C GLU C 63 1.67 -17.70 -30.44
N LYS C 64 1.02 -17.87 -31.62
CA LYS C 64 -0.24 -18.62 -31.74
C LYS C 64 -1.35 -17.92 -30.89
N LYS C 65 -2.30 -18.66 -30.27
CA LYS C 65 -3.38 -18.07 -29.47
C LYS C 65 -2.87 -17.20 -28.32
N GLY C 66 -3.42 -15.99 -28.21
CA GLY C 66 -3.06 -15.03 -27.17
C GLY C 66 -1.62 -14.55 -27.17
N GLY C 67 -0.91 -14.78 -28.27
CA GLY C 67 0.48 -14.36 -28.38
C GLY C 67 0.66 -12.88 -28.66
N LEU C 68 1.90 -12.43 -28.79
CA LEU C 68 2.22 -11.02 -29.04
C LEU C 68 1.72 -10.52 -30.41
N LYS C 69 1.86 -11.32 -31.47
CA LYS C 69 1.38 -10.93 -32.80
C LYS C 69 -0.16 -10.82 -32.83
N GLU C 70 -0.84 -11.77 -32.18
CA GLU C 70 -2.30 -11.81 -32.07
C GLU C 70 -2.81 -10.65 -31.21
N LEU C 71 -2.07 -10.33 -30.14
CA LEU C 71 -2.44 -9.25 -29.24
C LEU C 71 -2.22 -7.89 -29.87
N TYR C 72 -1.13 -7.74 -30.64
CA TYR C 72 -0.83 -6.48 -31.32
C TYR C 72 -1.89 -6.22 -32.40
N GLU C 73 -2.18 -7.23 -33.24
CA GLU C 73 -3.18 -7.09 -34.30
C GLU C 73 -4.57 -6.73 -33.76
N LYS C 74 -4.92 -7.28 -32.59
CA LYS C 74 -6.18 -6.95 -31.93
C LYS C 74 -6.19 -5.46 -31.51
N GLY C 75 -5.04 -4.95 -31.07
CA GLY C 75 -4.89 -3.56 -30.70
C GLY C 75 -5.35 -3.19 -29.31
N PRO C 76 -5.28 -1.90 -28.92
CA PRO C 76 -4.79 -0.74 -29.69
C PRO C 76 -3.26 -0.66 -29.69
N PRO C 77 -2.66 -0.20 -30.79
CA PRO C 77 -1.19 -0.10 -30.83
C PRO C 77 -0.57 0.82 -29.77
N ASN C 78 -1.32 1.80 -29.21
CA ASN C 78 -0.81 2.71 -28.18
C ASN C 78 -0.53 2.06 -26.81
N ALA C 79 -1.00 0.82 -26.63
CA ALA C 79 -0.87 0.02 -25.42
C ALA C 79 0.45 -0.81 -25.33
N PHE C 80 1.16 -0.99 -26.45
CA PHE C 80 2.36 -1.82 -26.53
C PHE C 80 3.67 -1.14 -26.28
N PHE C 81 4.48 -1.71 -25.38
CA PHE C 81 5.79 -1.18 -25.00
C PHE C 81 6.82 -2.29 -24.83
N LEU C 82 8.10 -1.96 -24.97
CA LEU C 82 9.19 -2.91 -24.76
C LEU C 82 10.13 -2.29 -23.73
N VAL C 83 10.50 -3.05 -22.70
CA VAL C 83 11.44 -2.56 -21.69
C VAL C 83 12.67 -3.43 -21.69
N LYS C 84 13.84 -2.81 -21.97
CA LYS C 84 15.16 -3.45 -21.98
C LYS C 84 15.73 -3.25 -20.56
N PHE C 85 15.84 -4.33 -19.74
CA PHE C 85 16.34 -4.23 -18.38
C PHE C 85 17.76 -4.73 -18.26
N TRP C 86 18.57 -4.04 -17.47
CA TRP C 86 19.91 -4.47 -17.11
C TRP C 86 19.81 -4.73 -15.63
N ALA C 87 19.48 -5.95 -15.24
CA ALA C 87 19.27 -6.30 -13.84
C ALA C 87 20.52 -6.32 -13.01
N ASP C 88 20.45 -5.73 -11.82
CA ASP C 88 21.53 -5.75 -10.85
C ASP C 88 21.44 -7.06 -10.05
N LEU C 89 22.35 -8.01 -10.36
CA LEU C 89 22.39 -9.28 -9.64
C LEU C 89 23.60 -9.36 -8.69
N ASN C 90 24.26 -8.23 -8.39
CA ASN C 90 25.40 -8.19 -7.48
C ASN C 90 24.94 -8.44 -6.07
N SER C 91 25.73 -9.20 -5.30
CA SER C 91 25.40 -9.52 -3.92
C SER C 91 25.76 -8.36 -3.01
N THR C 92 24.89 -7.33 -3.01
CA THR C 92 25.04 -6.12 -2.22
C THR C 92 24.58 -6.35 -0.75
N ILE C 93 23.58 -7.24 -0.56
CA ILE C 93 23.11 -7.63 0.77
C ILE C 93 23.43 -9.13 1.03
N GLN C 94 23.69 -9.51 2.30
CA GLN C 94 24.00 -10.91 2.60
C GLN C 94 22.69 -11.67 2.77
N GLU C 95 22.44 -12.71 1.94
CA GLU C 95 21.17 -13.44 2.01
C GLU C 95 21.02 -14.31 3.26
N ALA C 99 14.81 -15.08 2.96
CA ALA C 99 14.80 -13.91 2.06
C ALA C 99 13.48 -13.81 1.30
N PHE C 100 12.88 -12.61 1.27
CA PHE C 100 11.62 -12.42 0.56
C PHE C 100 11.93 -11.93 -0.84
N TYR C 101 11.42 -12.59 -1.87
CA TYR C 101 11.59 -12.14 -3.25
C TYR C 101 10.21 -11.70 -3.71
N GLY C 102 10.10 -10.47 -4.16
CA GLY C 102 8.82 -9.93 -4.57
C GLY C 102 8.85 -8.84 -5.61
N VAL C 103 7.68 -8.50 -6.09
CA VAL C 103 7.49 -7.50 -7.12
C VAL C 103 6.42 -6.50 -6.65
N SER C 104 6.67 -5.22 -6.80
CA SER C 104 5.71 -4.19 -6.44
C SER C 104 5.47 -3.32 -7.66
N SER C 105 4.23 -3.01 -7.96
CA SER C 105 3.91 -2.18 -9.11
C SER C 105 2.67 -1.35 -8.85
N GLN C 106 2.55 -0.23 -9.57
CA GLN C 106 1.46 0.68 -9.40
C GLN C 106 1.05 1.25 -10.75
N TYR C 107 -0.27 1.35 -10.99
CA TYR C 107 -0.85 1.87 -12.24
C TYR C 107 -1.86 2.94 -11.92
N SER C 108 -2.22 3.75 -12.93
CA SER C 108 -3.26 4.75 -12.74
C SER C 108 -4.09 4.98 -14.01
N SER C 109 -5.33 5.39 -13.85
CA SER C 109 -6.21 5.68 -14.98
C SER C 109 -7.14 6.81 -14.64
N ALA C 110 -7.73 7.42 -15.64
CA ALA C 110 -8.75 8.44 -15.44
C ALA C 110 -10.12 7.78 -15.21
N ASP C 111 -10.30 6.50 -15.60
CA ASP C 111 -11.55 5.77 -15.50
C ASP C 111 -11.50 4.68 -14.43
N SER C 112 -12.63 4.45 -13.78
CA SER C 112 -12.75 3.45 -12.75
C SER C 112 -13.04 2.11 -13.40
N MET C 113 -12.10 1.16 -13.30
CA MET C 113 -12.33 -0.18 -13.86
C MET C 113 -11.59 -1.26 -13.11
N THR C 114 -12.04 -2.54 -13.19
CA THR C 114 -11.29 -3.63 -12.57
C THR C 114 -10.31 -4.15 -13.61
N ILE C 115 -9.02 -4.26 -13.27
CA ILE C 115 -8.04 -4.75 -14.22
C ILE C 115 -7.56 -6.17 -13.87
N SER C 116 -6.98 -6.84 -14.86
CA SER C 116 -6.42 -8.16 -14.68
C SER C 116 -5.01 -8.08 -15.23
N VAL C 117 -4.04 -8.40 -14.40
CA VAL C 117 -2.63 -8.34 -14.79
C VAL C 117 -2.13 -9.74 -14.96
N SER C 118 -1.84 -10.11 -16.20
CA SER C 118 -1.28 -11.42 -16.51
C SER C 118 0.22 -11.25 -16.72
N THR C 119 1.03 -12.10 -16.11
CA THR C 119 2.48 -12.07 -16.30
C THR C 119 2.93 -13.44 -16.80
N LYS C 120 3.41 -13.52 -18.05
CA LYS C 120 3.84 -14.79 -18.63
C LYS C 120 5.36 -14.85 -18.70
N VAL C 121 5.98 -15.82 -18.02
CA VAL C 121 7.42 -16.00 -18.05
C VAL C 121 7.76 -17.03 -19.12
N CYS C 122 8.62 -16.69 -20.08
CA CYS C 122 9.02 -17.60 -21.15
C CYS C 122 10.48 -17.88 -21.10
N SER C 123 10.81 -19.15 -21.23
CA SER C 123 12.18 -19.66 -21.18
C SER C 123 12.33 -20.68 -22.31
N PHE C 124 13.17 -20.35 -23.30
CA PHE C 124 13.44 -21.21 -24.47
C PHE C 124 12.19 -21.47 -25.31
N GLY C 125 11.42 -20.41 -25.58
CA GLY C 125 10.21 -20.46 -26.38
C GLY C 125 9.10 -21.34 -25.79
N LYS C 126 8.99 -21.38 -24.46
CA LYS C 126 7.97 -22.18 -23.80
C LYS C 126 7.41 -21.34 -22.63
N GLN C 127 6.06 -21.07 -22.57
CA GLN C 127 5.53 -20.36 -21.41
C GLN C 127 5.65 -21.33 -20.23
N VAL C 128 6.44 -20.96 -19.23
CA VAL C 128 6.71 -21.86 -18.12
C VAL C 128 5.91 -21.49 -16.88
N VAL C 129 5.69 -20.20 -16.67
CA VAL C 129 4.92 -19.73 -15.52
C VAL C 129 3.95 -18.64 -15.98
N GLU C 130 2.76 -18.61 -15.41
CA GLU C 130 1.84 -17.51 -15.64
C GLU C 130 1.21 -17.10 -14.32
N LYS C 131 1.25 -15.81 -13.97
CA LYS C 131 0.60 -15.35 -12.77
C LYS C 131 -0.48 -14.37 -13.16
N VAL C 132 -1.70 -14.55 -12.66
CA VAL C 132 -2.82 -13.65 -12.92
C VAL C 132 -3.26 -12.95 -11.63
N GLU C 133 -3.35 -11.62 -11.63
CA GLU C 133 -3.76 -10.87 -10.46
C GLU C 133 -4.83 -9.90 -10.84
N THR C 134 -5.94 -9.86 -10.11
CA THR C 134 -7.01 -8.91 -10.36
C THR C 134 -6.85 -7.72 -9.43
N GLU C 135 -6.91 -6.50 -9.97
CA GLU C 135 -6.82 -5.30 -9.15
C GLU C 135 -8.02 -4.39 -9.30
N TYR C 136 -8.43 -3.81 -8.18
CA TYR C 136 -9.58 -2.92 -8.08
C TYR C 136 -9.10 -1.48 -7.95
N ALA C 137 -9.75 -0.52 -8.62
CA ALA C 137 -9.29 0.88 -8.57
C ALA C 137 -9.62 1.53 -7.28
N ARG C 138 -8.74 2.43 -6.85
CA ARG C 138 -8.94 3.19 -5.62
C ARG C 138 -8.94 4.65 -6.06
N LEU C 139 -10.02 5.40 -5.77
CA LEU C 139 -10.05 6.82 -6.09
C LEU C 139 -9.04 7.55 -5.23
N GLU C 140 -8.12 8.26 -5.88
CA GLU C 140 -7.07 8.96 -5.20
C GLU C 140 -6.63 10.19 -5.99
N ASN C 141 -6.89 11.39 -5.44
CA ASN C 141 -6.50 12.67 -6.01
C ASN C 141 -7.06 12.88 -7.43
N GLY C 142 -8.34 12.57 -7.63
CA GLY C 142 -8.99 12.75 -8.93
C GLY C 142 -8.74 11.66 -9.95
N ARG C 143 -7.81 10.74 -9.68
CA ARG C 143 -7.50 9.62 -10.57
C ARG C 143 -7.75 8.29 -9.89
N PHE C 144 -7.67 7.19 -10.65
CA PHE C 144 -7.89 5.86 -10.10
C PHE C 144 -6.55 5.16 -10.04
N VAL C 145 -6.19 4.64 -8.88
CA VAL C 145 -4.90 3.99 -8.66
C VAL C 145 -5.04 2.48 -8.38
N TYR C 146 -4.13 1.68 -8.97
CA TYR C 146 -4.08 0.22 -8.79
C TYR C 146 -2.73 -0.12 -8.18
N ARG C 147 -2.68 -0.72 -7.00
CA ARG C 147 -1.41 -1.08 -6.36
C ARG C 147 -1.27 -2.58 -6.15
N ILE C 148 -0.15 -3.14 -6.56
CA ILE C 148 0.18 -4.52 -6.31
C ILE C 148 1.41 -4.42 -5.43
N HIS C 149 1.26 -4.63 -4.15
CA HIS C 149 2.34 -4.46 -3.20
C HIS C 149 2.92 -5.77 -2.72
N ARG C 150 4.25 -5.93 -2.83
CA ARG C 150 4.99 -7.08 -2.38
C ARG C 150 4.39 -8.39 -2.83
N SER C 151 4.11 -8.49 -4.14
CA SER C 151 3.59 -9.70 -4.75
C SER C 151 4.74 -10.73 -4.76
N PRO C 152 4.62 -11.86 -4.05
CA PRO C 152 5.74 -12.82 -4.00
C PRO C 152 6.13 -13.44 -5.32
N MET C 153 7.43 -13.64 -5.53
CA MET C 153 7.95 -14.30 -6.74
C MET C 153 7.75 -15.79 -6.56
N CYS C 154 7.44 -16.48 -7.65
CA CYS C 154 7.28 -17.93 -7.60
C CYS C 154 8.67 -18.57 -7.49
N GLU C 155 8.71 -19.80 -6.97
CA GLU C 155 9.96 -20.52 -6.76
C GLU C 155 10.78 -20.64 -8.04
N TYR C 156 10.11 -20.69 -9.21
CA TYR C 156 10.77 -20.80 -10.51
C TYR C 156 11.72 -19.61 -10.71
N MET C 157 11.24 -18.39 -10.41
CA MET C 157 12.02 -17.18 -10.57
C MET C 157 13.13 -17.05 -9.56
N ILE C 158 12.88 -17.41 -8.30
CA ILE C 158 13.91 -17.33 -7.26
C ILE C 158 15.07 -18.29 -7.60
N ASN C 159 14.73 -19.51 -8.01
CA ASN C 159 15.70 -20.50 -8.38
C ASN C 159 16.45 -20.11 -9.68
N PHE C 160 15.80 -19.39 -10.60
CA PHE C 160 16.42 -18.90 -11.81
C PHE C 160 17.48 -17.82 -11.47
N ILE C 161 17.14 -16.86 -10.57
CA ILE C 161 18.06 -15.81 -10.13
C ILE C 161 19.26 -16.43 -9.41
N HIS C 162 19.03 -17.45 -8.56
CA HIS C 162 20.11 -18.12 -7.86
C HIS C 162 21.04 -18.80 -8.82
N LYS C 163 20.51 -19.47 -9.85
CA LYS C 163 21.31 -20.15 -10.84
C LYS C 163 22.11 -19.18 -11.66
N LEU C 164 21.53 -18.04 -12.06
CA LEU C 164 22.24 -17.02 -12.82
C LEU C 164 23.42 -16.47 -11.99
N LYS C 165 23.17 -16.08 -10.71
CA LYS C 165 24.18 -15.55 -9.81
C LYS C 165 25.39 -16.50 -9.68
N HIS C 166 25.16 -17.83 -9.72
CA HIS C 166 26.23 -18.83 -9.61
C HIS C 166 27.11 -19.02 -10.85
N LEU C 167 26.76 -18.35 -11.96
CA LEU C 167 27.56 -18.44 -13.17
C LEU C 167 28.82 -17.60 -12.95
N PRO C 168 29.98 -18.08 -13.36
CA PRO C 168 31.22 -17.34 -13.08
C PRO C 168 31.45 -16.10 -13.95
N GLU C 169 30.74 -15.98 -15.08
CA GLU C 169 30.92 -14.83 -15.97
C GLU C 169 29.62 -14.14 -16.31
N LYS C 170 29.61 -12.79 -16.39
CA LYS C 170 28.40 -12.03 -16.73
C LYS C 170 27.98 -12.24 -18.18
N TYR C 171 28.91 -12.59 -19.08
CA TYR C 171 28.54 -12.88 -20.47
C TYR C 171 27.80 -14.24 -20.57
N MET C 172 28.02 -15.16 -19.60
CA MET C 172 27.31 -16.43 -19.54
C MET C 172 25.88 -16.16 -19.11
N MET C 173 25.66 -15.24 -18.15
CA MET C 173 24.31 -14.89 -17.72
C MET C 173 23.57 -14.23 -18.87
N ASN C 174 24.20 -13.30 -19.61
CA ASN C 174 23.56 -12.68 -20.77
C ASN C 174 23.20 -13.69 -21.86
N SER C 175 23.99 -14.77 -21.99
CA SER C 175 23.69 -15.83 -22.95
C SER C 175 22.41 -16.54 -22.52
N VAL C 176 22.26 -16.89 -21.21
CA VAL C 176 21.07 -17.53 -20.67
C VAL C 176 19.88 -16.58 -20.82
N LEU C 177 20.07 -15.31 -20.45
CA LEU C 177 19.05 -14.27 -20.53
C LEU C 177 18.55 -13.96 -21.94
N GLU C 178 19.29 -14.36 -22.97
CA GLU C 178 18.88 -14.20 -24.36
C GLU C 178 17.62 -15.02 -24.69
N ASN C 179 17.37 -16.11 -23.95
CA ASN C 179 16.22 -16.98 -24.15
C ASN C 179 15.10 -16.81 -23.12
N PHE C 180 15.21 -15.78 -22.26
CA PHE C 180 14.28 -15.50 -21.20
C PHE C 180 13.58 -14.17 -21.47
N THR C 181 12.25 -14.19 -21.45
CA THR C 181 11.45 -12.97 -21.62
C THR C 181 10.24 -13.01 -20.69
N ILE C 182 9.63 -11.84 -20.43
CA ILE C 182 8.42 -11.76 -19.62
C ILE C 182 7.44 -10.90 -20.39
N LEU C 183 6.21 -11.36 -20.54
CA LEU C 183 5.18 -10.55 -21.22
C LEU C 183 4.14 -10.20 -20.20
N GLN C 184 3.92 -8.91 -19.97
CA GLN C 184 2.88 -8.46 -19.05
C GLN C 184 1.71 -7.89 -19.83
N VAL C 185 0.52 -8.46 -19.66
CA VAL C 185 -0.67 -8.00 -20.35
C VAL C 185 -1.67 -7.52 -19.31
N VAL C 186 -2.10 -6.27 -19.38
CA VAL C 186 -3.09 -5.73 -18.47
C VAL C 186 -4.37 -5.56 -19.28
N THR C 187 -5.47 -6.16 -18.83
CA THR C 187 -6.75 -6.07 -19.54
C THR C 187 -7.86 -5.61 -18.60
N SER C 188 -8.93 -5.05 -19.18
CA SER C 188 -10.11 -4.65 -18.42
C SER C 188 -10.82 -5.95 -18.11
N ARG C 189 -10.94 -6.35 -16.85
CA ARG C 189 -11.50 -7.65 -16.48
C ARG C 189 -12.83 -7.99 -17.16
N ASP C 190 -13.79 -7.06 -17.14
CA ASP C 190 -15.09 -7.29 -17.73
C ASP C 190 -15.08 -7.33 -19.26
N SER C 191 -14.66 -6.22 -19.94
CA SER C 191 -14.65 -6.20 -21.41
C SER C 191 -13.55 -7.01 -22.10
N GLN C 192 -12.50 -7.37 -21.37
CA GLN C 192 -11.32 -8.07 -21.88
C GLN C 192 -10.50 -7.23 -22.89
N GLU C 193 -10.70 -5.90 -22.90
CA GLU C 193 -9.96 -5.02 -23.77
C GLU C 193 -8.54 -4.89 -23.26
N THR C 194 -7.56 -4.83 -24.16
CA THR C 194 -6.16 -4.66 -23.80
C THR C 194 -5.91 -3.22 -23.37
N LEU C 195 -5.35 -3.03 -22.17
CA LEU C 195 -5.06 -1.72 -21.64
C LEU C 195 -3.59 -1.39 -21.76
N LEU C 196 -2.71 -2.39 -21.56
CA LEU C 196 -1.26 -2.15 -21.57
C LEU C 196 -0.56 -3.48 -21.78
N VAL C 197 0.44 -3.53 -22.64
CA VAL C 197 1.22 -4.73 -22.89
C VAL C 197 2.68 -4.32 -22.82
N ILE C 198 3.46 -4.92 -21.93
CA ILE C 198 4.88 -4.60 -21.81
C ILE C 198 5.70 -5.86 -21.96
N ALA C 199 6.59 -5.87 -22.92
CA ALA C 199 7.48 -7.00 -23.16
C ALA C 199 8.79 -6.69 -22.43
N PHE C 200 9.28 -7.59 -21.60
CA PHE C 200 10.52 -7.37 -20.85
C PHE C 200 11.62 -8.26 -21.36
N VAL C 201 12.75 -7.66 -21.71
CA VAL C 201 13.93 -8.39 -22.12
C VAL C 201 15.06 -8.04 -21.13
N PHE C 202 15.98 -8.95 -20.87
CA PHE C 202 16.98 -8.79 -19.83
C PHE C 202 18.44 -9.02 -20.22
N GLU C 203 19.30 -8.30 -19.53
CA GLU C 203 20.74 -8.42 -19.51
C GLU C 203 21.17 -8.15 -18.05
N VAL C 204 22.41 -8.44 -17.73
CA VAL C 204 22.95 -8.22 -16.40
C VAL C 204 23.70 -6.90 -16.40
N SER C 205 23.47 -6.09 -15.36
CA SER C 205 24.09 -4.79 -15.16
C SER C 205 25.58 -4.96 -14.92
N THR C 206 26.37 -4.08 -15.52
CA THR C 206 27.83 -4.11 -15.39
C THR C 206 28.41 -2.78 -14.86
N SER C 207 27.56 -1.75 -14.64
CA SER C 207 28.03 -0.45 -14.18
C SER C 207 27.87 -0.24 -12.69
N GLU C 208 28.68 0.66 -12.11
CA GLU C 208 28.62 1.07 -10.72
C GLU C 208 27.26 1.74 -10.37
N HIS C 209 26.54 2.27 -11.40
CA HIS C 209 25.21 2.89 -11.24
C HIS C 209 24.08 1.87 -10.96
N GLY C 210 24.38 0.58 -11.10
CA GLY C 210 23.45 -0.50 -10.84
C GLY C 210 22.48 -0.79 -11.96
N ALA C 211 21.29 -1.23 -11.61
CA ALA C 211 20.23 -1.58 -12.54
C ALA C 211 19.84 -0.43 -13.43
N GLN C 212 19.66 -0.73 -14.71
CA GLN C 212 19.30 0.26 -15.73
C GLN C 212 18.09 -0.24 -16.51
N HIS C 213 17.43 0.67 -17.21
CA HIS C 213 16.31 0.32 -18.06
C HIS C 213 16.18 1.28 -19.22
N HIS C 214 15.69 0.79 -20.35
CA HIS C 214 15.43 1.62 -21.52
C HIS C 214 14.05 1.22 -22.05
N VAL C 215 13.12 2.18 -22.10
CA VAL C 215 11.76 1.95 -22.57
C VAL C 215 11.59 2.32 -24.05
N TYR C 216 10.87 1.49 -24.81
CA TYR C 216 10.59 1.71 -26.22
C TYR C 216 9.13 1.55 -26.51
N LYS C 217 8.66 2.17 -27.56
CA LYS C 217 7.29 2.03 -28.00
C LYS C 217 7.32 1.02 -29.14
N LEU C 218 6.45 -0.02 -29.07
CA LEU C 218 6.36 -1.05 -30.14
C LEU C 218 5.47 -0.56 -31.31
N VAL C 219 6.07 -0.46 -32.51
CA VAL C 219 5.34 0.05 -33.67
C VAL C 219 5.34 -0.95 -34.83
N LYS C 220 4.51 -0.72 -35.86
CA LYS C 220 4.55 -1.48 -37.09
C LYS C 220 4.72 -0.47 -38.25
N ASP C 221 5.87 -0.55 -38.97
CA ASP C 221 6.24 0.34 -40.10
C ASP C 221 6.31 1.81 -39.68
N ARG D 4 -16.47 -37.01 -0.04
CA ARG D 4 -15.60 -36.61 1.08
C ARG D 4 -15.21 -35.14 1.00
N THR D 5 -14.92 -34.55 2.16
CA THR D 5 -14.60 -33.13 2.30
C THR D 5 -13.12 -32.80 2.38
N ILE D 6 -12.65 -31.90 1.50
CA ILE D 6 -11.26 -31.43 1.48
C ILE D 6 -11.15 -30.07 2.18
N ALA D 7 -10.74 -30.08 3.43
CA ALA D 7 -10.60 -28.86 4.21
C ALA D 7 -9.51 -29.02 5.23
N SER D 8 -8.72 -27.97 5.41
CA SER D 8 -7.72 -27.95 6.45
C SER D 8 -8.36 -27.15 7.64
N SER D 9 -7.57 -26.64 8.57
CA SER D 9 -8.11 -25.81 9.66
C SER D 9 -8.37 -24.34 9.22
N ARG D 10 -7.74 -23.91 8.11
N ARG D 10 -7.79 -23.90 8.09
CA ARG D 10 -7.75 -22.53 7.60
CA ARG D 10 -7.96 -22.52 7.65
C ARG D 10 -8.49 -22.33 6.28
C ARG D 10 -8.67 -22.34 6.33
N LEU D 11 -8.76 -23.39 5.51
CA LEU D 11 -9.43 -23.27 4.20
C LEU D 11 -10.16 -24.55 3.78
N ARG D 12 -11.29 -24.41 3.10
CA ARG D 12 -12.09 -25.53 2.61
C ARG D 12 -12.27 -25.45 1.08
N LEU D 13 -12.13 -26.57 0.36
CA LEU D 13 -12.42 -26.61 -1.08
C LEU D 13 -13.93 -26.95 -1.20
N LEU D 14 -14.73 -26.09 -1.81
CA LEU D 14 -16.17 -26.37 -1.97
C LEU D 14 -16.43 -27.12 -3.29
N GLU D 15 -15.81 -26.68 -4.38
CA GLU D 15 -15.97 -27.33 -5.67
C GLU D 15 -14.76 -27.20 -6.55
N TYR D 16 -14.63 -28.11 -7.51
CA TYR D 16 -13.53 -28.08 -8.46
C TYR D 16 -14.00 -28.78 -9.73
N SER D 17 -13.75 -28.18 -10.90
CA SER D 17 -14.10 -28.83 -12.17
C SER D 17 -13.23 -28.34 -13.31
N ALA D 18 -12.84 -29.23 -14.21
CA ALA D 18 -12.11 -28.89 -15.43
C ALA D 18 -13.03 -29.38 -16.55
N PHE D 19 -13.21 -28.57 -17.58
CA PHE D 19 -14.18 -28.86 -18.62
C PHE D 19 -13.79 -28.26 -19.94
N MET D 20 -14.53 -28.63 -21.00
CA MET D 20 -14.48 -27.95 -22.27
C MET D 20 -15.90 -27.55 -22.72
N GLU D 21 -16.06 -26.36 -23.28
CA GLU D 21 -17.35 -25.81 -23.69
C GLU D 21 -17.29 -25.45 -25.15
N VAL D 22 -18.37 -25.73 -25.88
CA VAL D 22 -18.45 -25.36 -27.28
C VAL D 22 -19.74 -24.56 -27.51
N GLN D 23 -19.63 -23.41 -28.18
CA GLN D 23 -20.81 -22.67 -28.57
C GLN D 23 -20.92 -22.90 -30.09
N ARG D 24 -21.64 -23.94 -30.53
CA ARG D 24 -21.73 -24.26 -31.96
C ARG D 24 -22.23 -23.11 -32.82
N ASP D 25 -23.10 -22.26 -32.23
CA ASP D 25 -23.76 -21.12 -32.84
C ASP D 25 -24.43 -20.30 -31.71
N PRO D 26 -25.12 -19.19 -31.99
CA PRO D 26 -25.71 -18.39 -30.89
C PRO D 26 -26.75 -19.09 -30.02
N ASP D 27 -27.39 -20.15 -30.52
CA ASP D 27 -28.41 -20.85 -29.76
C ASP D 27 -28.03 -22.24 -29.25
N THR D 28 -26.82 -22.71 -29.55
CA THR D 28 -26.42 -24.06 -29.20
C THR D 28 -25.17 -24.03 -28.39
N TYR D 29 -25.19 -24.76 -27.27
CA TYR D 29 -24.09 -24.76 -26.32
C TYR D 29 -23.92 -26.16 -25.79
N SER D 30 -22.68 -26.64 -25.63
CA SER D 30 -22.40 -27.94 -25.05
C SER D 30 -21.25 -27.84 -24.04
N LYS D 31 -21.29 -28.65 -22.97
CA LYS D 31 -20.25 -28.64 -21.96
C LYS D 31 -19.87 -30.06 -21.60
N HIS D 32 -18.57 -30.39 -21.64
CA HIS D 32 -18.09 -31.71 -21.26
C HIS D 32 -17.17 -31.58 -20.06
N LEU D 33 -17.44 -32.35 -18.99
CA LEU D 33 -16.61 -32.33 -17.80
C LEU D 33 -15.50 -33.38 -17.88
N PHE D 34 -14.25 -32.97 -17.64
CA PHE D 34 -13.17 -33.94 -17.61
C PHE D 34 -13.13 -34.57 -16.21
N VAL D 35 -13.12 -33.76 -15.17
CA VAL D 35 -13.01 -34.12 -13.75
C VAL D 35 -13.92 -33.18 -12.97
N HIS D 36 -14.47 -33.67 -11.85
CA HIS D 36 -15.38 -32.87 -11.04
C HIS D 36 -15.38 -33.31 -9.57
N ILE D 37 -15.38 -32.35 -8.65
CA ILE D 37 -15.50 -32.51 -7.20
C ILE D 37 -16.60 -31.52 -6.88
N GLY D 38 -17.79 -32.01 -6.58
CA GLY D 38 -18.94 -31.14 -6.34
C GLY D 38 -19.13 -30.77 -4.89
N GLN D 39 -20.00 -29.77 -4.65
CA GLN D 39 -20.25 -29.23 -3.31
C GLN D 39 -20.90 -30.22 -2.34
N THR D 40 -20.25 -30.50 -1.19
CA THR D 40 -20.74 -31.47 -0.19
C THR D 40 -21.79 -30.87 0.75
N SER D 45 -19.81 -31.53 5.95
CA SER D 45 -18.48 -31.76 6.55
C SER D 45 -18.17 -33.23 6.93
N ASP D 46 -17.83 -34.10 5.94
CA ASP D 46 -17.44 -35.49 6.19
C ASP D 46 -16.05 -35.78 5.60
N PRO D 47 -14.99 -35.63 6.41
CA PRO D 47 -13.61 -35.79 5.89
C PRO D 47 -13.25 -37.19 5.38
N PRO D 48 -12.21 -37.33 4.50
CA PRO D 48 -11.86 -38.65 3.96
C PRO D 48 -11.33 -39.66 4.99
N LEU D 49 -11.95 -40.85 5.03
CA LEU D 49 -11.55 -41.86 6.00
C LEU D 49 -10.34 -42.70 5.58
N GLU D 50 -9.66 -42.36 4.46
CA GLU D 50 -8.53 -43.18 4.02
C GLU D 50 -7.26 -42.39 3.85
N ALA D 51 -6.17 -42.99 4.29
CA ALA D 51 -4.88 -42.36 4.27
C ALA D 51 -3.89 -42.96 3.27
N VAL D 52 -3.00 -42.12 2.81
CA VAL D 52 -1.92 -42.48 1.89
C VAL D 52 -0.68 -41.85 2.48
N ASP D 53 0.39 -42.64 2.68
CA ASP D 53 1.65 -42.12 3.21
C ASP D 53 2.26 -41.26 2.14
N VAL D 54 2.56 -40.01 2.47
CA VAL D 54 3.09 -39.02 1.53
C VAL D 54 4.43 -39.46 0.91
N ARG D 55 5.21 -40.32 1.59
CA ARG D 55 6.48 -40.81 1.07
C ARG D 55 6.32 -41.68 -0.18
N GLN D 56 5.16 -42.31 -0.37
CA GLN D 56 4.86 -43.14 -1.54
C GLN D 56 4.68 -42.33 -2.81
N ILE D 57 4.36 -41.03 -2.70
CA ILE D 57 4.14 -40.20 -3.87
C ILE D 57 5.23 -39.14 -4.10
N TYR D 58 6.25 -39.03 -3.22
CA TYR D 58 7.35 -38.06 -3.31
C TYR D 58 7.98 -38.03 -4.72
N ASP D 59 8.34 -39.22 -5.26
CA ASP D 59 8.97 -39.38 -6.56
C ASP D 59 8.13 -38.86 -7.73
N LYS D 60 6.79 -38.77 -7.55
CA LYS D 60 5.85 -38.30 -8.58
C LYS D 60 5.66 -36.77 -8.61
N PHE D 61 6.13 -36.08 -7.58
CA PHE D 61 5.99 -34.64 -7.44
C PHE D 61 7.36 -33.95 -7.40
N PRO D 62 7.44 -32.64 -7.68
CA PRO D 62 8.74 -31.98 -7.67
C PRO D 62 9.27 -31.88 -6.26
N GLU D 63 10.53 -32.28 -6.05
CA GLU D 63 11.12 -32.22 -4.73
C GLU D 63 12.15 -31.07 -4.63
N LYS D 64 13.15 -31.15 -3.72
CA LYS D 64 14.09 -30.04 -3.50
C LYS D 64 13.33 -28.79 -2.94
N LYS D 65 13.80 -27.54 -3.16
CA LYS D 65 13.16 -26.35 -2.60
C LYS D 65 11.70 -26.20 -3.02
N GLY D 66 10.83 -25.93 -2.04
CA GLY D 66 9.40 -25.78 -2.27
C GLY D 66 8.66 -27.00 -2.79
N GLY D 67 9.31 -28.17 -2.65
CA GLY D 67 8.74 -29.43 -3.10
C GLY D 67 7.73 -30.00 -2.12
N LEU D 68 7.08 -31.11 -2.51
CA LEU D 68 6.08 -31.74 -1.65
C LEU D 68 6.64 -32.16 -0.27
N LYS D 69 7.87 -32.69 -0.22
CA LYS D 69 8.49 -33.11 1.03
C LYS D 69 8.75 -31.93 1.94
N GLU D 70 9.28 -30.83 1.39
CA GLU D 70 9.56 -29.64 2.18
C GLU D 70 8.27 -28.97 2.63
N LEU D 71 7.22 -28.97 1.78
CA LEU D 71 5.94 -28.36 2.11
C LEU D 71 5.33 -29.10 3.28
N TYR D 72 5.29 -30.46 3.21
CA TYR D 72 4.74 -31.30 4.27
C TYR D 72 5.53 -31.09 5.59
N GLU D 73 6.87 -31.01 5.52
CA GLU D 73 7.68 -30.78 6.70
C GLU D 73 7.40 -29.41 7.31
N LYS D 74 7.21 -28.38 6.46
CA LYS D 74 6.88 -27.03 6.93
C LYS D 74 5.50 -27.04 7.63
N GLY D 75 4.56 -27.83 7.12
CA GLY D 75 3.23 -27.98 7.72
C GLY D 75 2.22 -26.92 7.38
N PRO D 76 0.98 -27.00 7.93
CA PRO D 76 0.44 -28.02 8.87
C PRO D 76 0.03 -29.31 8.14
N PRO D 77 0.09 -30.46 8.82
CA PRO D 77 -0.26 -31.73 8.16
C PRO D 77 -1.70 -31.82 7.74
N ASN D 78 -2.60 -31.11 8.45
CA ASN D 78 -4.04 -31.13 8.16
C ASN D 78 -4.41 -30.50 6.82
N ALA D 79 -3.45 -29.84 6.14
CA ALA D 79 -3.69 -29.20 4.86
C ALA D 79 -3.50 -30.11 3.62
N PHE D 80 -2.82 -31.27 3.76
CA PHE D 80 -2.43 -32.16 2.65
C PHE D 80 -3.41 -33.29 2.29
N PHE D 81 -3.92 -33.27 1.07
CA PHE D 81 -4.83 -34.30 0.59
C PHE D 81 -4.32 -34.88 -0.73
N LEU D 82 -4.85 -36.03 -1.11
CA LEU D 82 -4.54 -36.64 -2.39
C LEU D 82 -5.88 -36.96 -3.08
N VAL D 83 -6.02 -36.62 -4.35
CA VAL D 83 -7.24 -36.94 -5.08
C VAL D 83 -6.86 -37.81 -6.26
N LYS D 84 -7.48 -38.98 -6.39
CA LYS D 84 -7.31 -39.87 -7.54
C LYS D 84 -8.46 -39.50 -8.48
N PHE D 85 -8.16 -39.14 -9.72
CA PHE D 85 -9.18 -38.81 -10.69
C PHE D 85 -9.24 -39.83 -11.81
N TRP D 86 -10.44 -40.18 -12.23
CA TRP D 86 -10.66 -41.00 -13.39
C TRP D 86 -11.33 -40.01 -14.37
N ALA D 87 -10.53 -39.35 -15.21
CA ALA D 87 -11.01 -38.33 -16.13
C ALA D 87 -11.82 -38.86 -17.30
N ASP D 88 -12.85 -38.14 -17.68
CA ASP D 88 -13.67 -38.48 -18.80
C ASP D 88 -13.06 -37.85 -20.05
N LEU D 89 -12.41 -38.66 -20.90
CA LEU D 89 -11.87 -38.15 -22.15
C LEU D 89 -12.64 -38.69 -23.38
N ASN D 90 -13.91 -39.10 -23.19
CA ASN D 90 -14.73 -39.59 -24.29
C ASN D 90 -15.12 -38.42 -25.17
N SER D 91 -15.02 -38.59 -26.50
CA SER D 91 -15.38 -37.51 -27.43
C SER D 91 -16.89 -37.45 -27.62
N THR D 92 -17.59 -36.88 -26.66
CA THR D 92 -19.04 -36.81 -26.65
C THR D 92 -19.57 -35.61 -27.43
N ILE D 93 -18.85 -34.48 -27.41
CA ILE D 93 -19.30 -33.28 -28.12
C ILE D 93 -18.46 -32.99 -29.36
N GLN D 94 -19.04 -32.26 -30.32
CA GLN D 94 -18.31 -31.87 -31.52
C GLN D 94 -17.58 -30.57 -31.21
N GLU D 95 -16.24 -30.61 -31.20
CA GLU D 95 -15.39 -29.46 -30.89
C GLU D 95 -15.41 -28.39 -31.99
N GLY D 98 -14.65 -23.33 -31.91
CA GLY D 98 -13.80 -22.51 -31.04
C GLY D 98 -13.99 -22.89 -29.58
N ALA D 99 -13.69 -24.18 -29.23
CA ALA D 99 -13.90 -24.67 -27.87
C ALA D 99 -13.12 -23.92 -26.81
N PHE D 100 -13.65 -23.89 -25.58
CA PHE D 100 -12.99 -23.24 -24.47
C PHE D 100 -12.63 -24.33 -23.47
N TYR D 101 -11.40 -24.35 -23.00
CA TYR D 101 -10.96 -25.31 -21.99
C TYR D 101 -10.69 -24.52 -20.75
N GLY D 102 -11.36 -24.87 -19.67
CA GLY D 102 -11.23 -24.11 -18.44
C GLY D 102 -11.42 -24.90 -17.16
N VAL D 103 -11.15 -24.25 -16.07
CA VAL D 103 -11.22 -24.82 -14.72
C VAL D 103 -12.00 -23.84 -13.86
N SER D 104 -12.93 -24.35 -13.05
CA SER D 104 -13.74 -23.54 -12.14
C SER D 104 -13.57 -24.14 -10.76
N SER D 105 -13.23 -23.34 -9.77
CA SER D 105 -13.04 -23.82 -8.41
C SER D 105 -13.60 -22.84 -7.39
N GLN D 106 -13.88 -23.34 -6.21
CA GLN D 106 -14.47 -22.51 -5.17
C GLN D 106 -13.92 -22.94 -3.83
N TYR D 107 -13.56 -21.96 -2.99
CA TYR D 107 -13.04 -22.21 -1.63
C TYR D 107 -13.76 -21.33 -0.62
N SER D 108 -13.59 -21.64 0.66
CA SER D 108 -14.13 -20.79 1.72
C SER D 108 -13.34 -20.91 3.00
N SER D 109 -13.33 -19.82 3.77
CA SER D 109 -12.65 -19.77 5.06
C SER D 109 -13.41 -18.89 6.04
N ALA D 110 -13.08 -18.99 7.32
CA ALA D 110 -13.69 -18.16 8.37
C ALA D 110 -12.99 -16.80 8.52
N ASP D 111 -11.78 -16.65 7.93
CA ASP D 111 -10.94 -15.47 8.02
C ASP D 111 -10.87 -14.73 6.72
N SER D 112 -10.77 -13.41 6.82
CA SER D 112 -10.68 -12.54 5.66
C SER D 112 -9.25 -12.43 5.20
N MET D 113 -8.89 -13.09 4.10
CA MET D 113 -7.52 -13.01 3.59
C MET D 113 -7.48 -13.16 2.08
N THR D 114 -6.39 -12.67 1.46
CA THR D 114 -6.18 -12.86 0.04
C THR D 114 -5.43 -14.18 -0.11
N ILE D 115 -5.90 -15.07 -0.99
CA ILE D 115 -5.23 -16.34 -1.20
C ILE D 115 -4.48 -16.35 -2.56
N SER D 116 -3.56 -17.30 -2.72
CA SER D 116 -2.82 -17.46 -3.94
C SER D 116 -2.90 -18.95 -4.26
N VAL D 117 -3.53 -19.28 -5.39
CA VAL D 117 -3.67 -20.67 -5.82
C VAL D 117 -2.61 -20.98 -6.88
N SER D 118 -1.61 -21.78 -6.52
CA SER D 118 -0.57 -22.20 -7.46
C SER D 118 -0.87 -23.63 -7.97
N THR D 119 -0.87 -23.83 -9.28
CA THR D 119 -1.13 -25.15 -9.88
C THR D 119 0.08 -25.56 -10.69
N LYS D 120 0.82 -26.57 -10.23
CA LYS D 120 2.01 -27.01 -10.95
C LYS D 120 1.76 -28.35 -11.66
N VAL D 121 1.80 -28.34 -12.99
CA VAL D 121 1.65 -29.51 -13.83
C VAL D 121 3.04 -30.18 -13.89
N CYS D 122 3.10 -31.47 -13.56
CA CYS D 122 4.35 -32.20 -13.45
C CYS D 122 4.39 -33.38 -14.40
N SER D 123 5.56 -33.62 -14.96
CA SER D 123 5.78 -34.72 -15.89
C SER D 123 7.05 -35.43 -15.41
N PHE D 124 6.93 -36.73 -15.08
CA PHE D 124 8.05 -37.51 -14.55
C PHE D 124 8.65 -36.86 -13.29
N GLY D 125 7.77 -36.28 -12.47
CA GLY D 125 8.14 -35.64 -11.22
C GLY D 125 8.82 -34.28 -11.36
N LYS D 126 8.90 -33.73 -12.58
CA LYS D 126 9.52 -32.43 -12.80
C LYS D 126 8.49 -31.45 -13.32
N GLN D 127 8.44 -30.25 -12.76
CA GLN D 127 7.45 -29.25 -13.08
C GLN D 127 7.62 -28.71 -14.49
N VAL D 128 6.56 -28.77 -15.30
CA VAL D 128 6.63 -28.31 -16.67
C VAL D 128 5.93 -26.97 -16.84
N VAL D 129 4.78 -26.79 -16.17
CA VAL D 129 4.00 -25.55 -16.26
C VAL D 129 3.52 -25.17 -14.87
N GLU D 130 3.35 -23.88 -14.62
CA GLU D 130 2.80 -23.42 -13.36
C GLU D 130 1.85 -22.28 -13.59
N LYS D 131 0.64 -22.31 -13.02
CA LYS D 131 -0.26 -21.16 -13.09
C LYS D 131 -0.49 -20.66 -11.69
N VAL D 132 -0.33 -19.36 -11.45
CA VAL D 132 -0.57 -18.76 -10.15
C VAL D 132 -1.73 -17.77 -10.29
N GLU D 133 -2.74 -17.86 -9.41
CA GLU D 133 -3.87 -16.93 -9.46
C GLU D 133 -4.13 -16.41 -8.08
N THR D 134 -4.30 -15.11 -7.93
CA THR D 134 -4.60 -14.51 -6.66
C THR D 134 -6.09 -14.28 -6.53
N GLU D 135 -6.69 -14.72 -5.41
CA GLU D 135 -8.10 -14.55 -5.19
C GLU D 135 -8.44 -13.74 -3.95
N TYR D 136 -9.46 -12.93 -4.08
CA TYR D 136 -9.98 -12.11 -3.00
C TYR D 136 -11.30 -12.73 -2.52
N ALA D 137 -11.51 -12.71 -1.22
CA ALA D 137 -12.71 -13.26 -0.64
C ALA D 137 -13.88 -12.33 -0.86
N ARG D 138 -15.04 -12.87 -0.76
CA ARG D 138 -16.28 -12.16 -0.75
C ARG D 138 -17.02 -12.63 0.49
N LEU D 139 -17.48 -11.69 1.35
CA LEU D 139 -18.22 -12.10 2.55
C LEU D 139 -19.60 -12.59 2.11
N GLU D 140 -19.90 -13.83 2.49
CA GLU D 140 -21.13 -14.48 2.08
C GLU D 140 -21.62 -15.48 3.13
N ASN D 141 -22.75 -15.18 3.78
CA ASN D 141 -23.37 -16.00 4.83
C ASN D 141 -22.44 -16.30 6.01
N GLY D 142 -21.73 -15.29 6.48
CA GLY D 142 -20.83 -15.46 7.62
C GLY D 142 -19.45 -16.04 7.30
N ARG D 143 -19.26 -16.52 6.07
CA ARG D 143 -17.97 -17.08 5.66
C ARG D 143 -17.38 -16.28 4.52
N PHE D 144 -16.08 -16.47 4.25
CA PHE D 144 -15.41 -15.77 3.18
C PHE D 144 -15.21 -16.70 1.94
N VAL D 145 -15.86 -16.39 0.80
CA VAL D 145 -15.86 -17.25 -0.38
C VAL D 145 -14.94 -16.77 -1.49
N TYR D 146 -14.14 -17.69 -2.04
CA TYR D 146 -13.19 -17.48 -3.13
C TYR D 146 -13.67 -18.25 -4.36
N ARG D 147 -13.92 -17.56 -5.47
CA ARG D 147 -14.39 -18.17 -6.71
C ARG D 147 -13.43 -17.90 -7.86
N ILE D 148 -13.04 -18.95 -8.54
CA ILE D 148 -12.23 -18.86 -9.73
C ILE D 148 -13.17 -19.39 -10.78
N HIS D 149 -13.76 -18.54 -11.59
CA HIS D 149 -14.74 -18.97 -12.57
C HIS D 149 -14.17 -18.96 -13.98
N ARG D 150 -14.30 -20.09 -14.69
CA ARG D 150 -13.84 -20.23 -16.06
C ARG D 150 -12.40 -19.78 -16.29
N SER D 151 -11.49 -20.25 -15.45
CA SER D 151 -10.09 -19.94 -15.56
C SER D 151 -9.54 -20.72 -16.77
N PRO D 152 -9.04 -20.07 -17.82
CA PRO D 152 -8.60 -20.83 -19.00
C PRO D 152 -7.43 -21.76 -18.77
N MET D 153 -7.45 -22.93 -19.43
CA MET D 153 -6.35 -23.87 -19.36
C MET D 153 -5.21 -23.37 -20.24
N CYS D 154 -3.98 -23.64 -19.86
CA CYS D 154 -2.86 -23.25 -20.70
C CYS D 154 -2.77 -24.17 -21.94
N GLU D 155 -2.11 -23.71 -23.00
CA GLU D 155 -1.96 -24.48 -24.22
C GLU D 155 -1.31 -25.83 -23.98
N TYR D 156 -0.42 -25.94 -22.97
CA TYR D 156 0.22 -27.22 -22.65
C TYR D 156 -0.82 -28.28 -22.30
N MET D 157 -1.81 -27.92 -21.48
CA MET D 157 -2.85 -28.84 -21.10
C MET D 157 -3.81 -29.19 -22.20
N ILE D 158 -4.20 -28.22 -23.02
CA ILE D 158 -5.12 -28.47 -24.12
C ILE D 158 -4.47 -29.41 -25.13
N ASN D 159 -3.20 -29.17 -25.44
CA ASN D 159 -2.47 -29.99 -26.37
C ASN D 159 -2.19 -31.42 -25.79
N PHE D 160 -2.05 -31.53 -24.46
CA PHE D 160 -1.87 -32.81 -23.80
C PHE D 160 -3.16 -33.64 -23.89
N ILE D 161 -4.34 -33.03 -23.64
CA ILE D 161 -5.63 -33.68 -23.74
C ILE D 161 -5.90 -34.14 -25.16
N HIS D 162 -5.57 -33.30 -26.16
CA HIS D 162 -5.73 -33.68 -27.55
C HIS D 162 -4.87 -34.88 -27.92
N LYS D 163 -3.62 -34.91 -27.44
CA LYS D 163 -2.71 -36.00 -27.73
C LYS D 163 -3.18 -37.28 -27.08
N LEU D 164 -3.70 -37.21 -25.84
CA LEU D 164 -4.22 -38.39 -25.13
C LEU D 164 -5.44 -38.90 -25.90
N LYS D 165 -6.37 -38.01 -26.28
CA LYS D 165 -7.59 -38.34 -27.03
C LYS D 165 -7.31 -38.97 -28.40
N HIS D 166 -6.10 -38.73 -28.96
N HIS D 166 -6.12 -38.75 -28.99
CA HIS D 166 -5.61 -39.29 -30.22
CA HIS D 166 -5.78 -39.37 -30.28
C HIS D 166 -4.93 -40.66 -30.04
C HIS D 166 -5.25 -40.82 -30.10
N LEU D 167 -5.04 -41.29 -28.85
CA LEU D 167 -4.51 -42.63 -28.59
C LEU D 167 -5.65 -43.62 -28.81
N PRO D 168 -5.38 -44.74 -29.49
CA PRO D 168 -6.45 -45.68 -29.82
C PRO D 168 -6.94 -46.56 -28.67
N GLU D 169 -6.17 -46.63 -27.57
CA GLU D 169 -6.55 -47.48 -26.44
C GLU D 169 -6.52 -46.73 -25.12
N LYS D 170 -7.48 -47.01 -24.23
CA LYS D 170 -7.52 -46.39 -22.90
C LYS D 170 -6.36 -46.85 -22.00
N TYR D 171 -5.81 -48.08 -22.24
CA TYR D 171 -4.61 -48.63 -21.58
C TYR D 171 -3.40 -47.71 -21.87
N MET D 172 -3.33 -47.19 -23.10
CA MET D 172 -2.24 -46.33 -23.55
C MET D 172 -2.33 -44.98 -22.87
N MET D 173 -3.55 -44.42 -22.74
CA MET D 173 -3.75 -43.14 -22.08
C MET D 173 -3.37 -43.27 -20.59
N ASN D 174 -3.77 -44.38 -19.94
CA ASN D 174 -3.42 -44.66 -18.55
C ASN D 174 -1.92 -44.80 -18.35
N SER D 175 -1.20 -45.31 -19.35
CA SER D 175 0.25 -45.46 -19.30
C SER D 175 0.91 -44.10 -19.30
N VAL D 176 0.43 -43.18 -20.17
CA VAL D 176 0.97 -41.83 -20.24
C VAL D 176 0.70 -41.08 -18.92
N LEU D 177 -0.54 -41.18 -18.42
CA LEU D 177 -1.00 -40.57 -17.18
C LEU D 177 -0.30 -41.09 -15.92
N GLU D 178 0.40 -42.24 -16.02
CA GLU D 178 1.14 -42.77 -14.89
C GLU D 178 2.25 -41.80 -14.46
N ASN D 179 2.74 -40.96 -15.39
CA ASN D 179 3.81 -40.00 -15.12
C ASN D 179 3.39 -38.55 -15.08
N PHE D 180 2.08 -38.29 -15.07
CA PHE D 180 1.50 -36.97 -15.06
C PHE D 180 0.83 -36.73 -13.74
N THR D 181 1.13 -35.60 -13.11
CA THR D 181 0.51 -35.25 -11.82
C THR D 181 0.34 -33.72 -11.75
N ILE D 182 -0.56 -33.26 -10.90
CA ILE D 182 -0.78 -31.84 -10.69
C ILE D 182 -0.70 -31.59 -9.20
N LEU D 183 0.07 -30.58 -8.78
CA LEU D 183 0.14 -30.23 -7.37
C LEU D 183 -0.49 -28.87 -7.21
N GLN D 184 -1.53 -28.77 -6.40
CA GLN D 184 -2.18 -27.49 -6.14
C GLN D 184 -1.82 -27.02 -4.73
N VAL D 185 -1.19 -25.87 -4.62
CA VAL D 185 -0.83 -25.31 -3.34
C VAL D 185 -1.56 -23.99 -3.15
N VAL D 186 -2.39 -23.87 -2.11
CA VAL D 186 -3.10 -22.63 -1.81
C VAL D 186 -2.42 -22.04 -0.58
N THR D 187 -1.91 -20.82 -0.70
CA THR D 187 -1.24 -20.16 0.40
C THR D 187 -1.88 -18.81 0.69
N SER D 188 -1.64 -18.27 1.89
CA SER D 188 -2.10 -16.93 2.22
C SER D 188 -1.13 -16.00 1.48
N ARG D 189 -1.64 -15.07 0.67
CA ARG D 189 -0.75 -14.21 -0.13
C ARG D 189 0.32 -13.47 0.67
N ASP D 190 -0.07 -12.77 1.73
CA ASP D 190 0.86 -11.99 2.53
C ASP D 190 1.80 -12.85 3.38
N SER D 191 1.28 -13.70 4.28
CA SER D 191 2.14 -14.52 5.15
C SER D 191 2.83 -15.70 4.46
N GLN D 192 2.33 -16.14 3.30
CA GLN D 192 2.85 -17.29 2.56
C GLN D 192 2.64 -18.64 3.30
N GLU D 193 1.74 -18.66 4.30
CA GLU D 193 1.41 -19.87 5.05
C GLU D 193 0.60 -20.81 4.18
N THR D 194 0.87 -22.12 4.27
CA THR D 194 0.15 -23.13 3.49
C THR D 194 -1.25 -23.32 4.06
N LEU D 195 -2.28 -23.15 3.22
CA LEU D 195 -3.67 -23.28 3.61
C LEU D 195 -4.24 -24.62 3.17
N LEU D 196 -3.86 -25.08 1.96
CA LEU D 196 -4.39 -26.33 1.42
C LEU D 196 -3.43 -26.84 0.35
N VAL D 197 -3.12 -28.15 0.35
CA VAL D 197 -2.27 -28.74 -0.69
C VAL D 197 -2.98 -29.97 -1.19
N ILE D 198 -3.25 -30.05 -2.48
CA ILE D 198 -3.92 -31.21 -3.05
C ILE D 198 -3.09 -31.77 -4.17
N ALA D 199 -2.71 -33.04 -4.07
CA ALA D 199 -1.92 -33.74 -5.10
C ALA D 199 -2.91 -34.48 -5.96
N PHE D 200 -2.85 -34.29 -7.28
CA PHE D 200 -3.79 -34.94 -8.20
C PHE D 200 -3.09 -35.99 -9.03
N VAL D 201 -3.62 -37.19 -9.03
CA VAL D 201 -3.13 -38.29 -9.86
C VAL D 201 -4.29 -38.71 -10.78
N PHE D 202 -3.98 -39.20 -12.00
CA PHE D 202 -5.00 -39.45 -13.01
C PHE D 202 -4.98 -40.79 -13.69
N GLU D 203 -6.16 -41.20 -14.11
CA GLU D 203 -6.46 -42.34 -14.96
C GLU D 203 -7.63 -41.93 -15.84
N VAL D 204 -7.93 -42.72 -16.86
CA VAL D 204 -9.03 -42.44 -17.76
C VAL D 204 -10.25 -43.25 -17.31
N SER D 205 -11.41 -42.61 -17.29
CA SER D 205 -12.67 -43.20 -16.91
C SER D 205 -13.08 -44.29 -17.88
N THR D 206 -13.56 -45.41 -17.37
CA THR D 206 -13.99 -46.54 -18.22
C THR D 206 -15.47 -46.95 -17.96
N SER D 207 -16.15 -46.31 -16.97
CA SER D 207 -17.52 -46.67 -16.65
C SER D 207 -18.54 -45.74 -17.30
N GLU D 208 -19.79 -46.26 -17.46
CA GLU D 208 -20.93 -45.50 -17.97
C GLU D 208 -21.30 -44.31 -17.05
N HIS D 209 -20.88 -44.37 -15.76
CA HIS D 209 -21.10 -43.30 -14.78
C HIS D 209 -20.19 -42.05 -15.03
N GLY D 210 -19.23 -42.16 -15.94
CA GLY D 210 -18.34 -41.07 -16.30
C GLY D 210 -17.18 -40.85 -15.35
N ALA D 211 -16.75 -39.60 -15.23
CA ALA D 211 -15.65 -39.18 -14.38
C ALA D 211 -15.90 -39.55 -12.91
N GLN D 212 -14.85 -40.05 -12.26
CA GLN D 212 -14.92 -40.45 -10.86
C GLN D 212 -13.75 -39.84 -10.09
N HIS D 213 -13.86 -39.82 -8.76
CA HIS D 213 -12.77 -39.35 -7.93
C HIS D 213 -12.77 -40.03 -6.58
N HIS D 214 -11.58 -40.18 -5.96
CA HIS D 214 -11.44 -40.77 -4.64
C HIS D 214 -10.49 -39.88 -3.86
N VAL D 215 -10.94 -39.35 -2.71
CA VAL D 215 -10.16 -38.46 -1.86
C VAL D 215 -9.45 -39.22 -0.73
N TYR D 216 -8.20 -38.88 -0.46
CA TYR D 216 -7.37 -39.47 0.60
C TYR D 216 -6.70 -38.37 1.40
N LYS D 217 -6.35 -38.67 2.63
CA LYS D 217 -5.63 -37.73 3.49
C LYS D 217 -4.16 -38.15 3.45
N LEU D 218 -3.23 -37.22 3.14
CA LEU D 218 -1.81 -37.56 3.09
C LEU D 218 -1.24 -37.55 4.50
N VAL D 219 -0.69 -38.68 4.96
CA VAL D 219 -0.14 -38.84 6.30
C VAL D 219 1.38 -39.17 6.26
N LYS D 220 2.06 -39.19 7.42
CA LYS D 220 3.47 -39.56 7.49
C LYS D 220 3.62 -40.45 8.71
#